data_5JQK
#
_entry.id   5JQK
#
_cell.length_a   146.740
_cell.length_b   100.070
_cell.length_c   106.660
_cell.angle_alpha   90.00
_cell.angle_beta   105.37
_cell.angle_gamma   90.00
#
_symmetry.space_group_name_H-M   'C 1 2 1'
#
loop_
_entity.id
_entity.type
_entity.pdbx_description
1 polymer 'Peptidase, putative'
2 non-polymer 'MANGANESE (II) ION'
3 non-polymer 'PHOSPHATE ION'
4 water water
#
_entity_poly.entity_id   1
_entity_poly.type   'polypeptide(L)'
_entity_poly.pdbx_seq_one_letter_code
;MNTVDVNMMDNNPAARLEELRTIMKKNKIDVYILINSDEHNSEIINEKDKKIVKITNYSGADGILIVTKDKPILYVNALY
ELQAMNELDQNLFTLRISRIDNRDEIFETISSLEFNTIAFDGKNTSVVFYEKLRKALLNAYPKKKIVEKIIYNNNFDDVN
KKDDENVLNFLVLEKSLVEIKDYPVNNKTLYIHDRKYNGACAGEKIDKLKQSLMYDIKNVDNLLLSELDEIAYLLNLRGY
DYQYSPLFYSYLLFQFDREEQDFSKIVFFTTVKNLPADVKNLLEINKVIVKEYEEIVPYLRDVVIPSIPKHNDDNPDFKK
YDISLSPYINLMIYKLFDRKNVLLQNSPVVKMKAVKNDVEIDNMKQAHILDGLALLQFFHWCEQKRKTKELFNETEMSLR
HKVDYFRSTKKNFIFPSFSTISASGPNAAVIHYECTDKTNATIKPAIYLLDSGGQYLHGTTDVTRTTHFGEPTAEEKRIY
TLVLKGHLRLRKVIFASYTNSSALDFIARENLFNNFMDYNHGTGHGVGLTLNVHEGGCSIGPVGGAPLKKNMVLSNEPGY
YMKDKFGVRIENMQYVISKEITDTTEYLSFDDLTMYPYEKKLLDFSLLTNQEIKELNEYHTTIRNTLLPLVKQSPQEYGE
SVEKYLIEITEPIAIHNNHHHHHH
;
_entity_poly.pdbx_strand_id   A,B
#
# COMPACT_ATOMS: atom_id res chain seq x y z
N ASP A 10 44.62 13.53 -16.89
CA ASP A 10 43.52 12.64 -16.57
C ASP A 10 42.18 13.35 -16.63
N ASN A 11 42.04 14.28 -17.59
CA ASN A 11 40.85 15.11 -17.69
C ASN A 11 40.61 15.78 -16.34
N ASN A 12 41.62 16.52 -15.88
CA ASN A 12 41.75 16.89 -14.47
C ASN A 12 40.50 17.50 -13.86
N PRO A 13 39.97 16.83 -12.82
CA PRO A 13 38.78 17.23 -12.06
C PRO A 13 39.00 18.53 -11.29
N ALA A 14 40.15 18.63 -10.62
CA ALA A 14 40.50 19.83 -9.87
C ALA A 14 40.53 21.04 -10.80
N ALA A 15 40.99 20.81 -12.02
CA ALA A 15 41.08 21.85 -13.02
C ALA A 15 39.70 22.31 -13.49
N ARG A 16 38.85 21.36 -13.87
CA ARG A 16 37.52 21.67 -14.37
C ARG A 16 36.64 22.22 -13.26
N LEU A 17 36.96 21.90 -12.01
CA LEU A 17 36.21 22.41 -10.86
C LEU A 17 36.60 23.85 -10.53
N GLU A 18 37.90 24.14 -10.50
CA GLU A 18 38.37 25.50 -10.23
C GLU A 18 38.00 26.40 -11.39
N GLU A 19 37.84 25.79 -12.57
CA GLU A 19 37.37 26.48 -13.75
C GLU A 19 35.87 26.75 -13.65
N LEU A 20 35.15 25.81 -13.05
CA LEU A 20 33.70 25.92 -12.88
C LEU A 20 33.28 27.06 -11.95
N ARG A 21 34.09 27.34 -10.92
CA ARG A 21 33.69 28.33 -9.94
C ARG A 21 34.08 29.73 -10.38
N THR A 22 34.83 29.82 -11.47
CA THR A 22 35.13 31.12 -12.07
C THR A 22 33.95 31.58 -12.92
N ILE A 23 33.24 30.62 -13.49
CA ILE A 23 32.06 30.92 -14.30
C ILE A 23 30.86 31.22 -13.41
N MET A 24 30.83 30.59 -12.24
CA MET A 24 29.76 30.83 -11.27
C MET A 24 29.91 32.20 -10.62
N LYS A 25 31.13 32.51 -10.18
CA LYS A 25 31.42 33.75 -9.48
C LYS A 25 31.09 34.99 -10.31
N LYS A 26 31.38 34.92 -11.62
CA LYS A 26 31.11 36.05 -12.51
C LYS A 26 29.62 36.30 -12.71
N ASN A 27 28.81 35.26 -12.53
CA ASN A 27 27.37 35.37 -12.69
C ASN A 27 26.71 35.58 -11.33
N LYS A 28 27.55 35.70 -10.31
CA LYS A 28 27.12 36.02 -8.95
C LYS A 28 26.27 34.88 -8.40
N ILE A 29 26.62 33.66 -8.79
CA ILE A 29 25.89 32.46 -8.38
C ILE A 29 26.66 31.71 -7.29
N ASP A 30 26.06 31.63 -6.11
CA ASP A 30 26.73 31.07 -4.94
C ASP A 30 26.74 29.54 -4.92
N VAL A 31 25.62 28.91 -5.24
CA VAL A 31 25.53 27.45 -5.19
C VAL A 31 24.87 26.87 -6.45
N TYR A 32 25.62 26.03 -7.16
CA TYR A 32 25.14 25.33 -8.35
C TYR A 32 24.74 23.88 -8.03
N ILE A 33 23.62 23.43 -8.61
CA ILE A 33 23.16 22.06 -8.39
C ILE A 33 23.06 21.27 -9.69
N LEU A 34 23.93 20.25 -9.83
CA LEU A 34 23.91 19.40 -11.01
C LEU A 34 23.34 18.01 -10.68
N ILE A 35 22.53 17.48 -11.60
CA ILE A 35 21.86 16.21 -11.41
C ILE A 35 22.03 15.36 -12.67
N ASN A 36 22.11 14.04 -12.54
CA ASN A 36 22.12 13.22 -13.74
C ASN A 36 20.69 12.92 -14.12
N SER A 37 20.22 13.63 -15.13
CA SER A 37 18.87 13.52 -15.64
C SER A 37 18.82 14.17 -17.01
N ASP A 38 17.79 13.87 -17.79
CA ASP A 38 17.51 14.67 -18.98
C ASP A 38 16.12 15.27 -18.83
N GLU A 39 15.67 16.00 -19.83
CA GLU A 39 14.42 16.74 -19.70
C GLU A 39 13.18 15.84 -19.79
N HIS A 40 13.39 14.62 -20.28
CA HIS A 40 12.29 13.66 -20.36
C HIS A 40 12.28 12.64 -19.20
N ASN A 41 13.20 12.83 -18.26
CA ASN A 41 13.27 11.99 -17.06
C ASN A 41 13.56 10.53 -17.42
N SER A 42 14.48 10.35 -18.37
CA SER A 42 14.91 9.02 -18.78
C SER A 42 15.84 8.39 -17.76
N GLU A 43 15.72 7.08 -17.57
CA GLU A 43 16.61 6.34 -16.69
C GLU A 43 18.04 6.42 -17.20
N ILE A 44 18.20 6.13 -18.49
CA ILE A 44 19.49 6.23 -19.15
C ILE A 44 19.57 7.52 -19.96
N ILE A 45 20.56 8.35 -19.65
CA ILE A 45 20.71 9.65 -20.30
C ILE A 45 21.87 9.61 -21.28
N ASN A 46 21.77 10.39 -22.35
CA ASN A 46 22.82 10.41 -23.37
C ASN A 46 24.00 11.27 -22.94
N GLU A 47 25.02 11.30 -23.79
CA GLU A 47 26.28 11.98 -23.47
C GLU A 47 26.16 13.48 -23.27
N LYS A 48 25.25 14.13 -24.00
CA LYS A 48 25.12 15.58 -23.92
C LYS A 48 24.65 16.01 -22.54
N ASP A 49 23.94 15.11 -21.87
CA ASP A 49 23.38 15.40 -20.56
C ASP A 49 24.23 14.92 -19.38
N LYS A 50 25.40 14.34 -19.64
CA LYS A 50 26.19 13.88 -18.51
C LYS A 50 27.25 14.93 -18.18
N LYS A 51 26.91 15.79 -17.22
CA LYS A 51 27.79 16.84 -16.75
C LYS A 51 28.66 16.44 -15.56
N ILE A 52 28.06 15.72 -14.62
CA ILE A 52 28.71 15.34 -13.37
C ILE A 52 29.99 14.56 -13.60
N VAL A 53 29.95 13.61 -14.53
CA VAL A 53 31.11 12.78 -14.84
C VAL A 53 32.28 13.60 -15.36
N LYS A 54 31.98 14.69 -16.06
CA LYS A 54 33.03 15.52 -16.65
C LYS A 54 33.83 16.23 -15.56
N ILE A 55 33.14 16.65 -14.50
CA ILE A 55 33.80 17.30 -13.37
C ILE A 55 34.44 16.33 -12.38
N THR A 56 33.70 15.31 -11.98
CA THR A 56 34.12 14.42 -10.90
C THR A 56 34.76 13.10 -11.32
N ASN A 57 34.77 12.80 -12.62
CA ASN A 57 35.11 11.47 -13.13
C ASN A 57 34.29 10.34 -12.49
N TYR A 58 33.07 10.66 -12.05
CA TYR A 58 32.15 9.64 -11.56
C TYR A 58 31.09 9.37 -12.63
N SER A 59 31.12 8.17 -13.20
CA SER A 59 30.28 7.84 -14.35
C SER A 59 28.98 7.13 -13.97
N GLY A 60 28.73 6.94 -12.67
CA GLY A 60 27.54 6.27 -12.21
C GLY A 60 26.28 6.99 -12.65
N ALA A 61 25.23 6.24 -12.95
CA ALA A 61 23.99 6.81 -13.47
C ALA A 61 23.36 7.77 -12.47
N ASP A 62 23.24 7.33 -11.22
CA ASP A 62 22.63 8.15 -10.18
C ASP A 62 23.65 9.09 -9.52
N GLY A 63 23.36 10.39 -9.56
CA GLY A 63 24.16 11.34 -8.81
C GLY A 63 23.58 12.74 -8.81
N ILE A 64 23.88 13.48 -7.74
CA ILE A 64 23.52 14.90 -7.63
C ILE A 64 24.69 15.66 -7.04
N LEU A 65 25.15 16.69 -7.73
CA LEU A 65 26.35 17.41 -7.30
C LEU A 65 26.06 18.83 -6.80
N ILE A 66 26.38 19.08 -5.54
CA ILE A 66 26.24 20.41 -4.95
C ILE A 66 27.57 21.15 -5.01
N VAL A 67 27.62 22.21 -5.81
CA VAL A 67 28.87 22.94 -6.02
C VAL A 67 28.86 24.31 -5.33
N THR A 68 29.67 24.45 -4.29
CA THR A 68 29.74 25.69 -3.52
C THR A 68 31.17 26.21 -3.45
N LYS A 69 31.37 27.28 -2.67
CA LYS A 69 32.70 27.85 -2.46
C LYS A 69 33.57 26.87 -1.68
N ASP A 70 32.93 26.04 -0.87
CA ASP A 70 33.63 24.97 -0.15
C ASP A 70 33.87 23.80 -1.08
N LYS A 71 34.39 22.69 -0.54
CA LYS A 71 34.54 21.47 -1.30
C LYS A 71 33.17 20.89 -1.66
N PRO A 72 32.93 20.66 -2.96
CA PRO A 72 31.64 20.19 -3.46
C PRO A 72 31.20 18.85 -2.86
N ILE A 73 29.90 18.64 -2.77
CA ILE A 73 29.35 17.40 -2.22
C ILE A 73 28.60 16.59 -3.27
N LEU A 74 28.97 15.33 -3.42
CA LEU A 74 28.29 14.43 -4.35
C LEU A 74 27.38 13.46 -3.60
N TYR A 75 26.11 13.46 -3.98
CA TYR A 75 25.15 12.52 -3.41
C TYR A 75 24.85 11.40 -4.40
N VAL A 76 25.10 10.16 -4.00
CA VAL A 76 24.77 9.02 -4.83
C VAL A 76 23.94 8.02 -4.03
N ASN A 77 23.13 7.24 -4.74
CA ASN A 77 22.37 6.16 -4.13
C ASN A 77 23.30 5.09 -3.55
N ALA A 78 22.83 4.39 -2.53
CA ALA A 78 23.61 3.35 -1.86
C ALA A 78 24.16 2.30 -2.83
N LEU A 79 23.38 1.96 -3.86
CA LEU A 79 23.79 0.94 -4.82
C LEU A 79 24.97 1.40 -5.69
N TYR A 80 25.16 2.71 -5.77
CA TYR A 80 26.29 3.26 -6.51
C TYR A 80 27.47 3.64 -5.62
N GLU A 81 27.36 3.35 -4.32
CA GLU A 81 28.41 3.74 -3.37
C GLU A 81 29.77 3.14 -3.70
N LEU A 82 29.79 1.85 -4.00
CA LEU A 82 31.04 1.17 -4.36
C LEU A 82 31.69 1.80 -5.59
N GLN A 83 30.89 2.03 -6.63
CA GLN A 83 31.41 2.62 -7.85
C GLN A 83 31.94 4.03 -7.60
N ALA A 84 31.26 4.79 -6.75
CA ALA A 84 31.68 6.16 -6.44
C ALA A 84 32.97 6.17 -5.63
N MET A 85 33.17 5.13 -4.83
CA MET A 85 34.33 5.06 -3.95
C MET A 85 35.60 4.79 -4.76
N ASN A 86 35.47 3.98 -5.79
CA ASN A 86 36.62 3.66 -6.64
C ASN A 86 36.90 4.72 -7.70
N GLU A 87 35.87 5.51 -8.05
CA GLU A 87 36.00 6.54 -9.09
C GLU A 87 36.35 7.92 -8.54
N LEU A 88 35.51 8.43 -7.65
CA LEU A 88 35.67 9.79 -7.12
C LEU A 88 36.87 9.82 -6.21
N ASP A 89 37.66 10.90 -6.22
CA ASP A 89 38.66 11.02 -5.16
C ASP A 89 38.19 12.13 -4.27
N GLN A 90 38.19 11.81 -3.00
CA GLN A 90 37.53 12.58 -1.95
C GLN A 90 38.31 13.72 -1.34
N ASN A 91 39.56 13.93 -1.77
CA ASN A 91 40.28 15.10 -1.32
C ASN A 91 39.76 16.31 -2.07
N LEU A 92 39.25 16.08 -3.28
CA LEU A 92 38.55 17.12 -4.03
C LEU A 92 37.07 17.23 -3.63
N PHE A 93 36.36 16.11 -3.70
CA PHE A 93 34.92 16.07 -3.46
C PHE A 93 34.50 15.35 -2.19
N THR A 94 33.48 15.85 -1.51
CA THR A 94 32.93 15.13 -0.36
C THR A 94 31.83 14.18 -0.81
N LEU A 95 32.01 12.89 -0.52
CA LEU A 95 31.03 11.88 -0.94
C LEU A 95 30.03 11.56 0.16
N ARG A 96 28.75 11.81 -0.12
CA ARG A 96 27.68 11.43 0.79
C ARG A 96 26.81 10.37 0.12
N ILE A 97 26.21 9.51 0.93
CA ILE A 97 25.42 8.41 0.41
C ILE A 97 23.96 8.60 0.80
N SER A 98 23.05 8.31 -0.13
CA SER A 98 21.63 8.44 0.14
C SER A 98 21.00 7.05 0.28
N ARG A 99 20.59 6.73 1.51
CA ARG A 99 19.96 5.45 1.80
C ARG A 99 18.47 5.63 2.05
N ILE A 100 17.79 4.54 2.38
CA ILE A 100 16.35 4.58 2.58
C ILE A 100 15.94 5.50 3.74
N ASP A 101 16.81 5.62 4.74
CA ASP A 101 16.53 6.53 5.85
C ASP A 101 17.23 7.88 5.75
N ASN A 102 18.14 8.04 4.78
CA ASN A 102 18.88 9.29 4.62
C ASN A 102 18.38 10.20 3.49
N ARG A 103 17.28 9.80 2.85
CA ARG A 103 16.84 10.41 1.59
C ARG A 103 16.72 11.94 1.56
N ASP A 104 16.19 12.56 2.61
CA ASP A 104 15.98 14.00 2.60
C ASP A 104 17.17 14.78 3.14
N GLU A 105 18.26 14.07 3.46
CA GLU A 105 19.49 14.70 3.95
C GLU A 105 19.96 15.82 3.03
N ILE A 106 19.91 15.58 1.73
CA ILE A 106 20.40 16.52 0.74
C ILE A 106 19.60 17.83 0.81
N PHE A 107 18.32 17.72 1.14
CA PHE A 107 17.45 18.88 1.27
C PHE A 107 17.80 19.66 2.54
N GLU A 108 18.09 18.93 3.61
CA GLU A 108 18.62 19.51 4.83
C GLU A 108 19.99 20.14 4.61
N THR A 109 20.85 19.43 3.88
CA THR A 109 22.23 19.86 3.66
C THR A 109 22.36 21.21 2.96
N ILE A 110 21.58 21.39 1.90
CA ILE A 110 21.60 22.65 1.16
C ILE A 110 21.04 23.77 2.03
N SER A 111 20.00 23.46 2.78
CA SER A 111 19.40 24.41 3.71
C SER A 111 20.41 24.92 4.73
N SER A 112 21.33 24.04 5.12
CA SER A 112 22.24 24.32 6.23
C SER A 112 23.45 25.15 5.81
N LEU A 113 23.52 25.50 4.52
CA LEU A 113 24.63 26.30 4.02
C LEU A 113 24.24 27.75 3.82
N PHE A 115 23.63 30.74 2.14
CA PHE A 115 24.00 31.37 0.88
C PHE A 115 22.79 31.92 0.12
N ASN A 116 22.96 33.08 -0.52
CA ASN A 116 21.81 33.82 -1.07
C ASN A 116 21.33 33.57 -2.51
N THR A 117 22.12 32.90 -3.35
CA THR A 117 21.64 32.63 -4.71
C THR A 117 21.92 31.23 -5.26
N ILE A 118 20.86 30.46 -5.49
CA ILE A 118 20.99 29.09 -5.99
C ILE A 118 20.59 28.92 -7.47
N ALA A 119 21.30 28.04 -8.18
CA ALA A 119 21.05 27.84 -9.61
C ALA A 119 20.71 26.38 -9.96
N PHE A 120 19.92 26.20 -11.02
CA PHE A 120 19.54 24.86 -11.47
C PHE A 120 19.56 24.78 -12.99
N ASP A 121 19.84 23.59 -13.53
CA ASP A 121 19.64 23.35 -14.95
C ASP A 121 18.15 23.15 -15.20
N GLY A 122 17.57 23.98 -16.05
CA GLY A 122 16.14 23.99 -16.23
C GLY A 122 15.62 22.72 -16.87
N LYS A 123 16.40 22.17 -17.79
CA LYS A 123 15.98 20.94 -18.46
C LYS A 123 16.48 19.69 -17.74
N ASN A 124 17.44 19.82 -16.85
CA ASN A 124 17.94 18.65 -16.13
C ASN A 124 17.38 18.48 -14.72
N THR A 125 16.48 19.37 -14.31
CA THR A 125 15.93 19.31 -12.97
C THR A 125 14.43 19.05 -12.97
N SER A 126 14.00 18.06 -12.20
CA SER A 126 12.59 17.75 -12.07
C SER A 126 11.92 18.69 -11.09
N VAL A 127 10.61 18.84 -11.21
CA VAL A 127 9.85 19.68 -10.30
C VAL A 127 9.78 19.10 -8.90
N VAL A 128 9.95 17.78 -8.79
CA VAL A 128 9.89 17.11 -7.49
C VAL A 128 11.06 17.54 -6.60
N PHE A 129 12.26 17.52 -7.17
CA PHE A 129 13.46 17.93 -6.44
C PHE A 129 13.44 19.42 -6.15
N TYR A 130 12.89 20.19 -7.08
CA TYR A 130 12.86 21.65 -6.96
C TYR A 130 11.93 22.09 -5.83
N GLU A 131 10.72 21.53 -5.82
CA GLU A 131 9.71 21.93 -4.86
C GLU A 131 10.08 21.52 -3.44
N LYS A 132 10.71 20.35 -3.30
CA LYS A 132 11.10 19.87 -1.98
C LYS A 132 12.25 20.69 -1.43
N LEU A 133 13.13 21.14 -2.30
CA LEU A 133 14.26 21.98 -1.89
C LEU A 133 13.76 23.36 -1.49
N ARG A 134 12.80 23.87 -2.25
CA ARG A 134 12.28 25.21 -2.01
C ARG A 134 11.43 25.24 -0.74
N LYS A 135 10.63 24.19 -0.55
CA LYS A 135 9.82 24.06 0.65
C LYS A 135 10.73 23.91 1.87
N ALA A 136 11.86 23.25 1.69
CA ALA A 136 12.83 23.08 2.76
C ALA A 136 13.37 24.44 3.18
N LEU A 137 13.56 25.32 2.21
CA LEU A 137 14.15 26.63 2.47
C LEU A 137 13.14 27.60 3.06
N LEU A 138 11.85 27.41 2.75
CA LEU A 138 10.80 28.18 3.41
C LEU A 138 10.80 27.80 4.88
N ASN A 139 11.02 26.52 5.13
CA ASN A 139 10.96 25.98 6.48
C ASN A 139 12.26 26.29 7.22
N ALA A 140 13.32 26.51 6.45
CA ALA A 140 14.65 26.80 6.99
C ALA A 140 14.81 28.26 7.39
N TYR A 141 14.31 29.15 6.54
CA TYR A 141 14.47 30.59 6.74
C TYR A 141 13.18 31.32 6.39
N PRO A 142 12.23 31.33 7.33
CA PRO A 142 10.87 31.87 7.15
C PRO A 142 10.87 33.38 6.90
N LYS A 143 11.92 34.07 7.35
CA LYS A 143 12.00 35.52 7.22
C LYS A 143 12.53 35.92 5.85
N LYS A 144 12.93 34.93 5.06
CA LYS A 144 13.43 35.19 3.72
C LYS A 144 12.35 34.92 2.68
N LYS A 145 12.29 35.77 1.66
CA LYS A 145 11.36 35.55 0.56
C LYS A 145 12.11 35.00 -0.65
N ILE A 146 11.45 34.13 -1.41
CA ILE A 146 12.10 33.50 -2.55
C ILE A 146 11.61 34.11 -3.86
N VAL A 147 12.54 34.41 -4.76
CA VAL A 147 12.17 34.88 -6.08
C VAL A 147 12.73 33.93 -7.13
N GLU A 148 11.87 33.54 -8.07
CA GLU A 148 12.26 32.53 -9.03
C GLU A 148 12.24 33.12 -10.42
N LYS A 149 13.38 33.01 -11.11
CA LYS A 149 13.50 33.57 -12.44
C LYS A 149 14.11 32.57 -13.40
N ILE A 150 13.64 32.61 -14.64
CA ILE A 150 14.26 31.84 -15.70
C ILE A 150 15.34 32.69 -16.34
N ILE A 151 16.52 32.11 -16.53
CA ILE A 151 17.62 32.84 -17.14
C ILE A 151 17.81 32.36 -18.56
N TYR A 152 17.48 33.23 -19.52
CA TYR A 152 17.61 32.90 -20.93
C TYR A 152 18.94 33.39 -21.49
N ASN A 153 19.53 32.55 -22.35
CA ASN A 153 20.75 32.90 -23.07
C ASN A 153 21.87 33.47 -22.20
N ASN A 154 21.98 32.96 -20.98
CA ASN A 154 23.06 33.33 -20.07
C ASN A 154 23.11 34.80 -19.70
N ASN A 155 21.96 35.48 -19.74
CA ASN A 155 21.90 36.87 -19.27
C ASN A 155 21.41 36.95 -17.84
N PHE A 156 22.33 37.24 -16.93
CA PHE A 156 22.04 37.26 -15.50
C PHE A 156 21.83 38.66 -14.94
N ASP A 157 21.88 39.67 -15.81
CA ASP A 157 21.95 41.06 -15.38
C ASP A 157 20.59 41.62 -14.97
N ASP A 158 19.55 40.80 -15.07
CA ASP A 158 18.20 41.23 -14.74
C ASP A 158 17.84 40.98 -13.27
N VAL A 159 18.81 40.52 -12.49
CA VAL A 159 18.56 40.22 -11.08
C VAL A 159 19.81 40.43 -10.22
N ASN A 166 18.25 40.93 0.87
CA ASN A 166 17.12 40.44 1.64
C ASN A 166 16.61 39.08 1.15
N VAL A 167 16.74 38.88 -0.16
CA VAL A 167 15.98 37.85 -0.87
C VAL A 167 16.81 36.64 -1.29
N LEU A 168 16.18 35.48 -1.32
CA LEU A 168 16.76 34.26 -1.89
C LEU A 168 16.36 34.09 -3.35
N ASN A 169 17.33 34.18 -4.25
CA ASN A 169 17.05 34.02 -5.68
C ASN A 169 17.17 32.57 -6.15
N PHE A 170 16.06 32.00 -6.62
CA PHE A 170 16.12 30.71 -7.31
C PHE A 170 16.23 30.96 -8.81
N LEU A 171 17.33 30.50 -9.39
CA LEU A 171 17.57 30.73 -10.81
C LEU A 171 17.43 29.43 -11.61
N VAL A 172 16.47 29.42 -12.52
CA VAL A 172 16.28 28.29 -13.41
C VAL A 172 16.94 28.65 -14.75
N LEU A 173 17.95 27.90 -15.13
CA LEU A 173 18.78 28.25 -16.28
C LEU A 173 18.35 27.56 -17.57
N GLU A 174 18.16 28.35 -18.64
CA GLU A 174 17.88 27.78 -19.96
C GLU A 174 19.08 27.00 -20.46
N LYS A 175 20.22 27.68 -20.54
CA LYS A 175 21.47 27.06 -20.94
C LYS A 175 22.25 26.62 -19.71
N SER A 176 22.82 25.41 -19.78
CA SER A 176 23.57 24.88 -18.65
C SER A 176 24.92 25.59 -18.53
N LEU A 177 25.48 25.60 -17.32
CA LEU A 177 26.78 26.22 -17.09
C LEU A 177 27.90 25.30 -17.56
N VAL A 178 27.65 23.99 -17.49
CA VAL A 178 28.58 23.01 -18.02
C VAL A 178 28.21 22.67 -19.46
N GLU A 179 29.06 23.08 -20.40
CA GLU A 179 28.78 22.90 -21.82
C GLU A 179 29.45 21.64 -22.37
N ILE A 180 28.73 20.91 -23.21
CA ILE A 180 29.25 19.68 -23.79
C ILE A 180 29.15 19.68 -25.32
N TYR A 183 29.63 15.81 -28.89
CA TYR A 183 29.07 14.47 -28.74
C TYR A 183 28.48 13.99 -30.06
N PRO A 184 28.20 12.67 -30.18
CA PRO A 184 27.60 12.23 -31.44
C PRO A 184 26.11 12.60 -31.55
N VAL A 185 25.61 12.66 -32.77
CA VAL A 185 24.24 13.10 -33.02
C VAL A 185 23.53 12.02 -33.83
N ASN A 186 22.24 11.83 -33.59
CA ASN A 186 21.50 10.81 -34.31
C ASN A 186 20.67 11.39 -35.46
N ASN A 187 21.07 11.07 -36.69
CA ASN A 187 20.30 11.49 -37.85
C ASN A 187 19.42 10.37 -38.39
N LYS A 188 19.46 9.19 -37.77
CA LYS A 188 18.65 8.07 -38.23
C LYS A 188 17.16 8.37 -38.13
N THR A 189 16.41 7.84 -39.08
CA THR A 189 15.01 8.20 -39.29
C THR A 189 14.05 7.46 -38.35
N LEU A 190 12.95 8.13 -38.02
CA LEU A 190 11.86 7.51 -37.28
C LEU A 190 11.17 6.47 -38.16
N TYR A 191 10.63 5.42 -37.55
CA TYR A 191 9.89 4.41 -38.30
C TYR A 191 8.61 4.00 -37.58
N ILE A 192 7.65 3.49 -38.36
CA ILE A 192 6.35 3.09 -37.84
C ILE A 192 6.40 1.71 -37.21
N HIS A 193 5.75 1.57 -36.05
CA HIS A 193 5.61 0.27 -35.42
C HIS A 193 4.34 -0.36 -35.96
N ASP A 194 4.49 -1.43 -36.72
CA ASP A 194 3.38 -2.03 -37.46
C ASP A 194 2.27 -2.51 -36.54
N ARG A 195 1.03 -2.46 -37.04
CA ARG A 195 -0.12 -2.87 -36.25
C ARG A 195 -0.03 -4.34 -35.85
N LYS A 196 0.61 -5.15 -36.68
CA LYS A 196 0.75 -6.58 -36.39
C LYS A 196 1.50 -6.79 -35.08
N TYR A 197 2.39 -5.86 -34.74
CA TYR A 197 3.12 -5.92 -33.47
C TYR A 197 2.37 -5.33 -32.28
N ASN A 198 1.74 -4.16 -32.46
CA ASN A 198 1.12 -3.48 -31.32
C ASN A 198 -0.39 -3.65 -31.19
N GLY A 199 -1.02 -4.26 -32.19
CA GLY A 199 -2.43 -4.61 -32.12
C GLY A 199 -3.43 -3.47 -32.06
N ALA A 200 -2.93 -2.23 -32.01
CA ALA A 200 -3.81 -1.06 -31.96
C ALA A 200 -3.21 0.11 -32.74
N CYS A 201 -4.03 0.72 -33.59
CA CYS A 201 -3.59 1.86 -34.39
C CYS A 201 -3.45 3.13 -33.56
N ALA A 202 -2.65 4.07 -34.06
CA ALA A 202 -2.44 5.34 -33.39
C ALA A 202 -3.75 6.12 -33.22
N GLY A 203 -4.65 5.95 -34.17
CA GLY A 203 -5.93 6.64 -34.15
C GLY A 203 -6.83 6.21 -33.01
N GLU A 204 -6.89 4.91 -32.75
CA GLU A 204 -7.70 4.38 -31.66
C GLU A 204 -7.17 4.86 -30.32
N LYS A 205 -5.85 4.86 -30.17
CA LYS A 205 -5.20 5.27 -28.92
C LYS A 205 -5.45 6.73 -28.61
N ILE A 206 -5.36 7.57 -29.64
CA ILE A 206 -5.69 8.98 -29.50
C ILE A 206 -7.15 9.13 -29.09
N ASP A 207 -8.01 8.33 -29.73
CA ASP A 207 -9.43 8.28 -29.38
C ASP A 207 -9.63 7.88 -27.92
N LYS A 208 -8.80 6.97 -27.44
CA LYS A 208 -8.87 6.55 -26.04
C LYS A 208 -8.44 7.69 -25.11
N LEU A 209 -7.39 8.41 -25.49
CA LEU A 209 -6.95 9.58 -24.74
C LEU A 209 -8.04 10.64 -24.75
N LYS A 210 -8.75 10.69 -25.87
CA LYS A 210 -9.86 11.60 -26.05
C LYS A 210 -10.98 11.29 -25.06
N GLN A 211 -11.37 10.03 -24.98
CA GLN A 211 -12.36 9.58 -24.01
C GLN A 211 -11.98 9.96 -22.58
N SER A 212 -10.71 9.81 -22.24
CA SER A 212 -10.21 10.12 -20.90
C SER A 212 -10.51 11.56 -20.52
N LEU A 213 -10.30 12.47 -21.47
CA LEU A 213 -10.55 13.89 -21.24
C LEU A 213 -12.03 14.22 -21.11
N MET A 214 -12.89 13.47 -21.80
CA MET A 214 -14.33 13.66 -21.66
C MET A 214 -14.80 13.30 -20.27
N TYR A 215 -14.33 12.16 -19.79
CA TYR A 215 -14.88 11.54 -18.59
C TYR A 215 -13.97 11.67 -17.37
N ASP A 216 -12.76 11.15 -17.48
CA ASP A 216 -11.89 11.01 -16.30
C ASP A 216 -11.28 12.33 -15.82
N ILE A 217 -10.68 13.11 -16.71
CA ILE A 217 -10.13 14.39 -16.30
C ILE A 217 -10.92 15.54 -16.90
N LYS A 218 -11.76 16.16 -16.08
CA LYS A 218 -12.58 17.28 -16.52
C LYS A 218 -12.06 18.66 -16.10
N ASN A 219 -11.00 18.71 -15.31
CA ASN A 219 -10.49 19.97 -14.79
C ASN A 219 -9.31 20.55 -15.57
N VAL A 220 -8.96 19.92 -16.69
CA VAL A 220 -7.94 20.45 -17.59
C VAL A 220 -8.28 20.25 -19.07
N ASP A 221 -8.03 21.27 -19.88
CA ASP A 221 -8.21 21.16 -21.31
C ASP A 221 -6.89 20.93 -22.04
N ASN A 222 -5.78 21.00 -21.32
CA ASN A 222 -4.46 20.93 -21.94
C ASN A 222 -3.55 19.89 -21.28
N LEU A 223 -3.08 18.96 -22.10
CA LEU A 223 -2.19 17.91 -21.62
C LEU A 223 -0.88 17.89 -22.41
N LEU A 224 0.24 17.86 -21.69
CA LEU A 224 1.54 17.74 -22.33
C LEU A 224 2.20 16.41 -22.00
N LEU A 225 2.53 15.64 -23.04
CA LEU A 225 3.24 14.38 -22.84
C LEU A 225 4.74 14.62 -22.96
N SER A 226 5.45 14.52 -21.84
CA SER A 226 6.91 14.62 -21.86
C SER A 226 7.63 13.27 -21.74
N GLU A 227 6.88 12.20 -21.49
CA GLU A 227 7.50 10.89 -21.33
C GLU A 227 7.62 10.21 -22.69
N LEU A 228 8.86 9.92 -23.08
CA LEU A 228 9.15 9.50 -24.44
C LEU A 228 8.50 8.17 -24.81
N ASP A 229 8.34 7.28 -23.84
CA ASP A 229 7.71 5.99 -24.12
C ASP A 229 6.20 6.16 -24.30
N GLU A 230 5.64 7.22 -23.72
CA GLU A 230 4.21 7.50 -23.88
C GLU A 230 3.91 8.06 -25.27
N ILE A 231 4.83 8.88 -25.78
CA ILE A 231 4.66 9.48 -27.10
C ILE A 231 4.85 8.43 -28.18
N ALA A 232 5.88 7.60 -28.03
CA ALA A 232 6.15 6.53 -28.97
C ALA A 232 5.02 5.52 -29.04
N TYR A 233 4.51 5.15 -27.86
CA TYR A 233 3.40 4.19 -27.75
C TYR A 233 2.13 4.70 -28.44
N LEU A 234 1.79 5.96 -28.19
CA LEU A 234 0.56 6.55 -28.69
C LEU A 234 0.57 6.71 -30.21
N LEU A 235 1.73 7.05 -30.76
CA LEU A 235 1.84 7.33 -32.19
C LEU A 235 2.35 6.14 -33.00
N ASN A 236 2.65 5.04 -32.31
CA ASN A 236 3.21 3.84 -32.94
C ASN A 236 4.46 4.16 -33.76
N LEU A 237 5.35 4.96 -33.18
CA LEU A 237 6.60 5.33 -33.81
C LEU A 237 7.77 4.97 -32.91
N ARG A 238 8.90 4.62 -33.51
CA ARG A 238 10.11 4.36 -32.73
C ARG A 238 11.28 5.14 -33.34
N GLY A 239 12.36 5.29 -32.59
CA GLY A 239 13.49 6.06 -33.05
C GLY A 239 14.83 5.67 -32.44
N TYR A 240 15.88 6.32 -32.90
CA TYR A 240 17.25 6.01 -32.50
C TYR A 240 17.93 6.96 -31.51
N ASP A 241 17.20 7.92 -30.97
CA ASP A 241 17.80 8.94 -30.08
C ASP A 241 18.38 8.39 -28.76
N TYR A 242 18.06 7.14 -28.44
CA TYR A 242 18.59 6.51 -27.23
C TYR A 242 19.22 5.16 -27.55
N GLN A 243 20.23 4.78 -26.78
CA GLN A 243 20.94 3.54 -27.02
C GLN A 243 20.11 2.30 -26.71
N TYR A 244 19.52 2.27 -25.51
CA TYR A 244 18.84 1.06 -25.04
C TYR A 244 17.32 1.06 -25.17
N SER A 245 16.74 2.16 -25.63
CA SER A 245 15.31 2.20 -25.91
C SER A 245 15.08 2.82 -27.28
N PRO A 246 14.17 2.25 -28.07
CA PRO A 246 13.93 2.77 -29.41
C PRO A 246 13.03 3.99 -29.38
N LEU A 247 13.42 4.99 -28.60
CA LEU A 247 12.62 6.19 -28.40
C LEU A 247 13.22 7.36 -29.17
N PHE A 248 12.56 8.50 -29.12
CA PHE A 248 13.02 9.70 -29.83
C PHE A 248 12.66 10.95 -29.04
N TYR A 249 13.57 11.93 -29.03
CA TYR A 249 13.29 13.18 -28.35
C TYR A 249 12.03 13.80 -28.91
N SER A 250 11.04 14.01 -28.04
CA SER A 250 9.79 14.60 -28.49
C SER A 250 8.94 15.15 -27.34
N TYR A 251 8.06 16.07 -27.68
CA TYR A 251 6.95 16.47 -26.83
C TYR A 251 5.69 16.33 -27.65
N LEU A 252 4.59 16.01 -26.98
CA LEU A 252 3.31 15.91 -27.67
C LEU A 252 2.25 16.65 -26.86
N LEU A 253 1.69 17.69 -27.45
CA LEU A 253 0.76 18.55 -26.74
C LEU A 253 -0.66 18.38 -27.25
N PHE A 254 -1.59 18.17 -26.33
CA PHE A 254 -3.00 18.05 -26.69
C PHE A 254 -3.80 19.23 -26.15
N GLN A 255 -4.59 19.85 -27.00
CA GLN A 255 -5.52 20.88 -26.55
C GLN A 255 -6.95 20.42 -26.80
N PHE A 256 -7.68 20.21 -25.72
CA PHE A 256 -9.02 19.66 -25.79
C PHE A 256 -10.03 20.79 -25.71
N ASP A 257 -11.05 20.73 -26.56
CA ASP A 257 -12.14 21.68 -26.46
C ASP A 257 -13.35 20.91 -25.95
N ARG A 258 -13.78 21.29 -24.75
CA ARG A 258 -14.95 20.68 -24.11
C ARG A 258 -16.18 20.66 -25.01
N GLU A 259 -16.48 21.79 -25.63
CA GLU A 259 -17.59 21.86 -26.57
C GLU A 259 -17.15 21.41 -27.96
N GLN A 261 -16.77 18.09 -28.46
CA GLN A 261 -16.03 17.29 -27.49
C GLN A 261 -14.83 16.61 -28.13
N ASP A 262 -13.77 17.37 -28.40
CA ASP A 262 -12.64 16.84 -29.15
C ASP A 262 -11.40 17.72 -29.01
N PHE A 263 -10.31 17.29 -29.63
CA PHE A 263 -9.04 18.02 -29.59
C PHE A 263 -9.03 19.26 -30.49
N SER A 264 -8.70 20.39 -29.90
CA SER A 264 -8.57 21.65 -30.63
C SER A 264 -7.32 21.62 -31.49
N LYS A 265 -6.21 21.25 -30.87
CA LYS A 265 -4.93 21.16 -31.57
C LYS A 265 -4.10 20.01 -31.01
N ILE A 266 -3.41 19.30 -31.89
CA ILE A 266 -2.47 18.28 -31.47
C ILE A 266 -1.10 18.66 -32.04
N VAL A 267 -0.18 19.03 -31.16
CA VAL A 267 1.12 19.52 -31.61
C VAL A 267 2.26 18.58 -31.25
N PHE A 268 3.02 18.20 -32.27
CA PHE A 268 4.13 17.26 -32.12
C PHE A 268 5.47 17.96 -32.27
N PHE A 269 6.20 18.09 -31.15
CA PHE A 269 7.54 18.66 -31.19
C PHE A 269 8.56 17.53 -31.26
N THR A 270 9.46 17.60 -32.23
CA THR A 270 10.47 16.57 -32.42
C THR A 270 11.56 17.04 -33.39
N THR A 271 12.47 16.15 -33.76
CA THR A 271 13.52 16.50 -34.70
C THR A 271 13.05 16.17 -36.12
N VAL A 272 12.79 17.22 -36.90
CA VAL A 272 12.12 17.08 -38.18
C VAL A 272 12.99 16.39 -39.24
N LYS A 273 14.29 16.59 -39.17
CA LYS A 273 15.21 15.99 -40.14
C LYS A 273 15.22 14.46 -40.02
N ASN A 274 14.74 13.96 -38.89
CA ASN A 274 14.62 12.52 -38.68
C ASN A 274 13.23 12.00 -39.02
N LEU A 275 12.35 12.89 -39.48
CA LEU A 275 11.00 12.51 -39.86
C LEU A 275 10.91 12.17 -41.36
N PRO A 276 10.61 10.90 -41.67
CA PRO A 276 10.54 10.44 -43.05
C PRO A 276 9.21 10.74 -43.74
N ALA A 277 9.11 10.37 -45.00
CA ALA A 277 7.94 10.66 -45.84
C ALA A 277 6.64 10.06 -45.32
N ASP A 278 6.65 8.77 -45.04
CA ASP A 278 5.41 8.05 -44.75
C ASP A 278 5.05 8.05 -43.26
N VAL A 279 5.88 8.68 -42.45
CA VAL A 279 5.51 8.98 -41.07
C VAL A 279 4.63 10.22 -41.03
N LYS A 280 4.93 11.19 -41.87
CA LYS A 280 4.12 12.40 -41.97
C LYS A 280 2.77 12.07 -42.62
N ASN A 281 2.69 10.90 -43.24
CA ASN A 281 1.43 10.43 -43.79
C ASN A 281 0.48 10.00 -42.67
N LEU A 282 0.98 9.17 -41.76
CA LEU A 282 0.21 8.77 -40.58
C LEU A 282 -0.07 9.96 -39.67
N LEU A 283 0.87 10.91 -39.64
CA LEU A 283 0.75 12.09 -38.79
C LEU A 283 -0.31 13.08 -39.27
N GLU A 284 -0.25 13.45 -40.55
CA GLU A 284 -1.18 14.42 -41.09
C GLU A 284 -2.58 13.83 -41.24
N ILE A 285 -2.67 12.51 -41.22
CA ILE A 285 -3.96 11.82 -41.27
C ILE A 285 -4.72 12.02 -39.96
N ASN A 286 -3.98 12.13 -38.87
CA ASN A 286 -4.55 12.33 -37.55
C ASN A 286 -4.66 13.82 -37.18
N LYS A 287 -4.37 14.68 -38.15
CA LYS A 287 -4.39 16.13 -37.95
C LYS A 287 -3.40 16.56 -36.87
N VAL A 288 -2.16 16.15 -37.02
CA VAL A 288 -1.09 16.53 -36.10
C VAL A 288 -0.21 17.63 -36.69
N ILE A 289 -0.04 18.72 -35.96
CA ILE A 289 0.82 19.82 -36.40
C ILE A 289 2.25 19.57 -35.92
N VAL A 290 3.19 19.55 -36.87
CA VAL A 290 4.58 19.26 -36.55
C VAL A 290 5.43 20.52 -36.37
N LYS A 291 6.01 20.68 -35.20
CA LYS A 291 6.97 21.75 -34.97
C LYS A 291 8.31 21.14 -34.61
N GLU A 292 9.33 21.99 -34.44
CA GLU A 292 10.66 21.51 -34.10
C GLU A 292 10.79 21.33 -32.59
N TYR A 293 11.79 20.56 -32.18
CA TYR A 293 11.93 20.10 -30.81
C TYR A 293 12.17 21.24 -29.83
N GLU A 294 13.06 22.16 -30.23
CA GLU A 294 13.45 23.27 -29.36
C GLU A 294 12.37 24.34 -29.30
N GLU A 295 11.33 24.19 -30.12
CA GLU A 295 10.25 25.15 -30.17
C GLU A 295 9.25 24.99 -29.02
N ILE A 296 9.43 23.95 -28.21
CA ILE A 296 8.48 23.63 -27.14
C ILE A 296 8.31 24.77 -26.13
N VAL A 297 9.42 25.28 -25.60
CA VAL A 297 9.37 26.36 -24.61
C VAL A 297 8.81 27.67 -25.18
N PRO A 298 9.33 28.15 -26.33
CA PRO A 298 8.72 29.38 -26.86
C PRO A 298 7.25 29.18 -27.23
N TYR A 299 6.88 28.02 -27.77
CA TYR A 299 5.50 27.77 -28.16
C TYR A 299 4.58 27.78 -26.94
N LEU A 300 5.05 27.23 -25.83
CA LEU A 300 4.26 27.23 -24.61
C LEU A 300 4.15 28.63 -24.06
N ARG A 301 5.29 29.31 -23.96
CA ARG A 301 5.38 30.63 -23.38
C ARG A 301 4.65 31.69 -24.21
N ASP A 302 4.81 31.63 -25.54
CA ASP A 302 4.29 32.67 -26.42
C ASP A 302 2.87 32.43 -26.94
N VAL A 303 2.62 31.28 -27.59
CA VAL A 303 1.30 31.06 -28.17
C VAL A 303 0.27 30.50 -27.17
N VAL A 304 0.65 29.53 -26.34
CA VAL A 304 -0.33 28.77 -25.57
C VAL A 304 -0.80 29.49 -24.29
N ILE A 305 0.14 29.75 -23.38
CA ILE A 305 -0.19 30.39 -22.11
C ILE A 305 -0.94 31.73 -22.23
N PRO A 306 -0.61 32.57 -23.24
CA PRO A 306 -1.45 33.76 -23.43
C PRO A 306 -2.85 33.48 -23.96
N SER A 307 -3.09 32.29 -24.51
CA SER A 307 -4.37 31.99 -25.13
C SER A 307 -5.44 31.50 -24.14
N ILE A 308 -5.04 31.29 -22.89
CA ILE A 308 -5.96 30.77 -21.89
C ILE A 308 -6.63 31.89 -21.09
N PRO A 309 -7.96 31.81 -20.93
CA PRO A 309 -8.67 32.79 -20.11
C PRO A 309 -8.30 32.67 -18.64
N LYS A 310 -8.48 33.75 -17.89
CA LYS A 310 -8.13 33.75 -16.47
C LYS A 310 -9.36 33.58 -15.59
N ASP A 317 -14.84 27.63 -6.83
CA ASP A 317 -15.42 26.47 -6.15
C ASP A 317 -14.90 25.18 -6.74
N PHE A 318 -15.14 24.99 -8.04
CA PHE A 318 -14.56 23.90 -8.80
C PHE A 318 -13.37 24.43 -9.59
N LYS A 319 -12.17 23.95 -9.28
CA LYS A 319 -10.98 24.57 -9.84
C LYS A 319 -10.69 24.01 -11.23
N LYS A 320 -10.23 24.90 -12.11
CA LYS A 320 -9.85 24.52 -13.45
C LYS A 320 -8.38 24.85 -13.67
N TYR A 321 -7.62 23.85 -14.09
CA TYR A 321 -6.18 24.01 -14.24
C TYR A 321 -5.83 24.32 -15.69
N ASP A 322 -4.78 25.11 -15.89
CA ASP A 322 -4.34 25.47 -17.22
C ASP A 322 -3.66 24.33 -17.96
N ILE A 323 -2.86 23.54 -17.25
CA ILE A 323 -2.05 22.51 -17.89
C ILE A 323 -1.88 21.28 -17.00
N SER A 324 -1.87 20.10 -17.63
CA SER A 324 -1.57 18.86 -16.93
C SER A 324 -0.19 18.35 -17.34
N LEU A 325 0.71 18.25 -16.37
CA LEU A 325 2.08 17.82 -16.64
C LEU A 325 2.41 16.54 -15.90
N SER A 326 3.27 15.72 -16.49
CA SER A 326 3.75 14.52 -15.84
C SER A 326 4.48 14.90 -14.55
N PRO A 327 4.42 14.05 -13.53
CA PRO A 327 4.96 14.38 -12.21
C PRO A 327 6.43 14.78 -12.23
N TYR A 328 7.17 14.18 -13.15
CA TYR A 328 8.61 14.41 -13.29
C TYR A 328 9.00 15.39 -14.39
N ILE A 329 8.02 16.12 -14.93
CA ILE A 329 8.28 17.12 -15.97
C ILE A 329 9.43 18.04 -15.57
N ASN A 330 10.24 18.43 -16.55
CA ASN A 330 11.42 19.25 -16.28
C ASN A 330 11.05 20.63 -15.74
N LEU A 331 11.99 21.25 -15.04
CA LEU A 331 11.75 22.52 -14.37
C LEU A 331 11.44 23.66 -15.35
N MET A 332 12.14 23.69 -16.49
CA MET A 332 11.97 24.76 -17.47
C MET A 332 10.55 24.91 -18.00
N ILE A 333 9.88 23.80 -18.25
CA ILE A 333 8.52 23.83 -18.77
C ILE A 333 7.55 24.18 -17.66
N TYR A 334 7.81 23.64 -16.48
CA TYR A 334 7.03 23.92 -15.27
C TYR A 334 6.99 25.41 -14.93
N LYS A 335 8.13 26.06 -15.03
CA LYS A 335 8.27 27.43 -14.56
C LYS A 335 7.65 28.45 -15.52
N LEU A 336 7.20 27.98 -16.68
CA LEU A 336 6.51 28.84 -17.62
C LEU A 336 5.12 29.21 -17.12
N PHE A 337 4.58 28.40 -16.22
CA PHE A 337 3.24 28.63 -15.70
C PHE A 337 3.25 29.15 -14.27
N ASP A 338 2.06 29.45 -13.76
CA ASP A 338 1.87 29.75 -12.34
C ASP A 338 1.49 28.45 -11.66
N ARG A 339 2.21 28.09 -10.60
CA ARG A 339 2.05 26.78 -9.96
C ARG A 339 0.61 26.45 -9.61
N LYS A 340 -0.16 27.45 -9.20
CA LYS A 340 -1.55 27.22 -8.80
C LYS A 340 -2.37 26.64 -9.96
N ASN A 341 -1.92 26.88 -11.19
CA ASN A 341 -2.62 26.40 -12.37
C ASN A 341 -2.09 25.11 -12.98
N VAL A 342 -1.00 24.57 -12.43
CA VAL A 342 -0.46 23.34 -12.98
C VAL A 342 -0.95 22.13 -12.18
N LEU A 343 -1.30 21.08 -12.90
CA LEU A 343 -1.73 19.84 -12.29
C LEU A 343 -0.69 18.76 -12.59
N LEU A 344 0.00 18.32 -11.54
CA LEU A 344 1.04 17.31 -11.71
C LEU A 344 0.45 15.92 -11.48
N GLN A 345 0.33 15.15 -12.55
CA GLN A 345 -0.26 13.83 -12.45
C GLN A 345 0.16 12.94 -13.62
N ASN A 346 0.05 11.63 -13.42
CA ASN A 346 0.28 10.68 -14.50
C ASN A 346 -0.66 10.91 -15.68
N SER A 347 -0.09 10.99 -16.87
CA SER A 347 -0.87 10.98 -18.10
C SER A 347 -1.73 9.73 -18.15
N PRO A 348 -2.91 9.82 -18.82
CA PRO A 348 -3.77 8.66 -19.02
C PRO A 348 -3.07 7.54 -19.80
N VAL A 349 -1.98 7.86 -20.48
CA VAL A 349 -1.25 6.88 -21.29
C VAL A 349 -0.56 5.84 -20.40
N VAL A 350 -0.23 6.23 -19.17
CA VAL A 350 0.41 5.31 -18.24
C VAL A 350 -0.47 4.09 -18.00
N LYS A 351 -1.74 4.32 -17.67
CA LYS A 351 -2.69 3.22 -17.44
C LYS A 351 -2.99 2.50 -18.74
N MET A 352 -3.10 3.27 -19.82
CA MET A 352 -3.40 2.75 -21.15
C MET A 352 -2.40 1.68 -21.57
N LYS A 353 -1.13 1.99 -21.36
CA LYS A 353 -0.02 1.20 -21.85
C LYS A 353 0.43 0.12 -20.86
N ALA A 354 -0.04 0.20 -19.62
CA ALA A 354 0.31 -0.79 -18.61
C ALA A 354 -0.44 -2.10 -18.83
N VAL A 355 -1.58 -2.01 -19.48
CA VAL A 355 -2.37 -3.20 -19.81
C VAL A 355 -2.24 -3.52 -21.29
N LYS A 356 -1.55 -4.61 -21.60
CA LYS A 356 -1.32 -5.03 -22.97
C LYS A 356 -2.57 -5.66 -23.58
N ASN A 357 -2.82 -5.41 -24.86
CA ASN A 357 -3.86 -6.14 -25.57
C ASN A 357 -3.34 -7.54 -25.93
N ASP A 358 -4.18 -8.36 -26.53
CA ASP A 358 -3.82 -9.75 -26.77
C ASP A 358 -2.75 -9.91 -27.86
N VAL A 359 -2.82 -9.06 -28.88
CA VAL A 359 -1.80 -9.04 -29.92
C VAL A 359 -0.45 -8.69 -29.31
N GLU A 360 -0.46 -7.76 -28.37
CA GLU A 360 0.76 -7.34 -27.69
C GLU A 360 1.38 -8.48 -26.87
N ILE A 361 0.52 -9.26 -26.22
CA ILE A 361 0.99 -10.38 -25.41
C ILE A 361 1.57 -11.47 -26.29
N ASP A 362 0.85 -11.80 -27.36
CA ASP A 362 1.30 -12.82 -28.31
C ASP A 362 2.64 -12.44 -28.90
N ASN A 363 2.79 -11.16 -29.21
CA ASN A 363 4.06 -10.66 -29.73
C ASN A 363 5.16 -10.76 -28.68
N MET A 364 4.79 -10.60 -27.41
CA MET A 364 5.77 -10.66 -26.33
C MET A 364 6.19 -12.11 -26.11
N LYS A 365 5.30 -13.04 -26.45
CA LYS A 365 5.62 -14.45 -26.41
C LYS A 365 6.62 -14.82 -27.50
N GLN A 366 6.44 -14.26 -28.68
CA GLN A 366 7.35 -14.53 -29.79
C GLN A 366 8.75 -13.99 -29.50
N ALA A 367 8.80 -12.79 -28.92
CA ALA A 367 10.05 -12.16 -28.54
C ALA A 367 10.82 -13.01 -27.52
N HIS A 368 10.09 -13.63 -26.59
CA HIS A 368 10.71 -14.44 -25.56
C HIS A 368 11.13 -15.80 -26.10
N ILE A 369 10.44 -16.28 -27.12
CA ILE A 369 10.84 -17.49 -27.83
C ILE A 369 12.20 -17.26 -28.49
N LEU A 370 12.33 -16.14 -29.19
CA LEU A 370 13.59 -15.74 -29.81
C LEU A 370 14.67 -15.58 -28.76
N ASP A 371 14.29 -15.08 -27.60
CA ASP A 371 15.26 -14.73 -26.59
C ASP A 371 15.71 -15.98 -25.85
N GLY A 372 14.84 -16.99 -25.83
CA GLY A 372 15.16 -18.29 -25.30
C GLY A 372 16.19 -19.01 -26.15
N LEU A 373 16.02 -18.91 -27.46
CA LEU A 373 16.97 -19.47 -28.41
C LEU A 373 18.34 -18.81 -28.24
N ALA A 374 18.34 -17.50 -28.08
CA ALA A 374 19.59 -16.75 -27.90
C ALA A 374 20.32 -17.16 -26.62
N LEU A 375 19.58 -17.26 -25.52
CA LEU A 375 20.17 -17.71 -24.26
C LEU A 375 20.68 -19.14 -24.37
N LEU A 376 19.92 -19.98 -25.08
CA LEU A 376 20.31 -21.37 -25.31
C LEU A 376 21.66 -21.45 -26.02
N GLN A 377 21.82 -20.64 -27.06
CA GLN A 377 23.07 -20.59 -27.80
C GLN A 377 24.21 -20.10 -26.92
N PHE A 378 23.93 -19.11 -26.08
CA PHE A 378 24.95 -18.52 -25.23
C PHE A 378 25.47 -19.50 -24.19
N PHE A 379 24.55 -20.13 -23.46
CA PHE A 379 24.95 -21.06 -22.41
C PHE A 379 25.49 -22.37 -22.97
N HIS A 380 25.03 -22.75 -24.16
CA HIS A 380 25.63 -23.87 -24.88
C HIS A 380 27.09 -23.55 -25.18
N TRP A 381 27.32 -22.35 -25.68
CA TRP A 381 28.66 -21.85 -25.98
C TRP A 381 29.53 -21.83 -24.72
N CYS A 382 28.96 -21.36 -23.62
CA CYS A 382 29.65 -21.35 -22.33
C CYS A 382 30.01 -22.76 -21.87
N GLU A 383 29.09 -23.69 -22.09
CA GLU A 383 29.27 -25.08 -21.66
C GLU A 383 30.40 -25.77 -22.41
N GLN A 384 30.50 -25.52 -23.72
CA GLN A 384 31.56 -26.10 -24.53
C GLN A 384 32.92 -25.62 -24.05
N LYS A 385 33.05 -24.30 -23.91
CA LYS A 385 34.30 -23.70 -23.46
C LYS A 385 34.62 -24.04 -22.01
N ARG A 386 33.59 -24.41 -21.25
CA ARG A 386 33.82 -24.83 -19.87
C ARG A 386 34.54 -26.17 -19.89
N LYS A 387 34.06 -27.08 -20.73
CA LYS A 387 34.65 -28.41 -20.89
C LYS A 387 36.05 -28.35 -21.46
N THR A 388 36.24 -27.48 -22.46
CA THR A 388 37.54 -27.31 -23.09
C THR A 388 38.40 -26.44 -22.18
N LYS A 389 37.76 -25.86 -21.18
CA LYS A 389 38.40 -25.02 -20.16
C LYS A 389 38.84 -23.66 -20.70
N GLU A 390 38.60 -23.43 -21.99
CA GLU A 390 38.89 -22.15 -22.62
C GLU A 390 37.99 -21.04 -22.07
N LEU A 391 36.93 -21.44 -21.37
CA LEU A 391 36.00 -20.49 -20.78
C LEU A 391 36.69 -19.57 -19.79
N PHE A 392 37.75 -20.06 -19.16
CA PHE A 392 38.41 -19.31 -18.11
C PHE A 392 39.50 -18.40 -18.67
N ASN A 393 39.62 -18.34 -19.99
CA ASN A 393 40.37 -17.27 -20.63
C ASN A 393 39.45 -16.15 -21.13
N GLU A 394 38.14 -16.38 -21.05
CA GLU A 394 37.14 -15.37 -21.40
C GLU A 394 36.97 -14.37 -20.25
N THR A 395 36.44 -13.20 -20.56
CA THR A 395 36.17 -12.19 -19.53
C THR A 395 34.68 -11.90 -19.41
N GLU A 396 34.34 -11.02 -18.48
CA GLU A 396 32.94 -10.61 -18.28
C GLU A 396 32.44 -9.86 -19.51
N MET A 397 33.27 -8.98 -20.06
CA MET A 397 32.91 -8.24 -21.26
C MET A 397 32.78 -9.17 -22.45
N SER A 398 33.65 -10.18 -22.50
CA SER A 398 33.62 -11.15 -23.58
C SER A 398 32.32 -11.95 -23.60
N LEU A 399 31.85 -12.34 -22.42
CA LEU A 399 30.59 -13.07 -22.30
C LEU A 399 29.40 -12.14 -22.51
N ARG A 400 29.54 -10.91 -22.03
CA ARG A 400 28.54 -9.87 -22.26
C ARG A 400 28.30 -9.65 -23.75
N HIS A 401 29.39 -9.55 -24.50
CA HIS A 401 29.32 -9.34 -25.94
C HIS A 401 28.72 -10.54 -26.66
N LYS A 402 28.99 -11.74 -26.12
CA LYS A 402 28.54 -12.96 -26.78
C LYS A 402 27.02 -13.12 -26.75
N VAL A 403 26.41 -12.87 -25.59
CA VAL A 403 24.95 -13.02 -25.49
C VAL A 403 24.24 -11.93 -26.29
N ASP A 404 24.85 -10.75 -26.35
CA ASP A 404 24.29 -9.66 -27.14
C ASP A 404 24.37 -10.02 -28.63
N TYR A 405 25.42 -10.73 -29.00
CA TYR A 405 25.58 -11.18 -30.38
C TYR A 405 24.49 -12.16 -30.80
N PHE A 406 24.27 -13.19 -30.00
CA PHE A 406 23.30 -14.23 -30.33
C PHE A 406 21.88 -13.67 -30.45
N ARG A 407 21.60 -12.59 -29.73
CA ARG A 407 20.33 -11.88 -29.88
C ARG A 407 20.25 -11.16 -31.22
N SER A 408 21.38 -10.59 -31.66
CA SER A 408 21.41 -9.81 -32.90
C SER A 408 21.19 -10.68 -34.14
N THR A 409 21.46 -11.98 -34.01
CA THR A 409 21.19 -12.93 -35.09
C THR A 409 19.69 -13.20 -35.22
N LYS A 410 18.94 -12.91 -34.16
CA LYS A 410 17.50 -13.23 -34.15
C LYS A 410 16.67 -12.25 -34.98
N LYS A 411 15.58 -12.76 -35.55
CA LYS A 411 14.68 -11.97 -36.40
C LYS A 411 14.02 -10.81 -35.64
N ASN A 412 13.93 -9.66 -36.31
CA ASN A 412 13.24 -8.48 -35.80
C ASN A 412 13.87 -7.90 -34.53
N PHE A 413 15.14 -8.21 -34.31
CA PHE A 413 15.89 -7.66 -33.21
C PHE A 413 16.34 -6.22 -33.55
N ILE A 414 16.34 -5.34 -32.56
CA ILE A 414 16.76 -3.97 -32.78
C ILE A 414 18.10 -3.67 -32.10
N PHE A 415 18.10 -3.73 -30.77
CA PHE A 415 19.35 -3.69 -30.00
C PHE A 415 19.06 -4.17 -28.57
N PRO A 416 20.10 -4.32 -27.74
CA PRO A 416 19.83 -4.70 -26.34
C PRO A 416 18.95 -3.68 -25.61
N SER A 417 18.12 -4.17 -24.70
CA SER A 417 17.15 -3.34 -24.02
C SER A 417 17.75 -2.61 -22.82
N PHE A 418 18.95 -3.02 -22.41
CA PHE A 418 19.73 -2.31 -21.41
C PHE A 418 21.16 -2.82 -21.43
N SER A 419 22.03 -2.21 -20.64
CA SER A 419 23.41 -2.65 -20.59
C SER A 419 23.47 -3.99 -19.87
N THR A 420 23.98 -5.00 -20.56
CA THR A 420 23.99 -6.36 -20.03
C THR A 420 24.88 -6.46 -18.81
N ILE A 421 24.34 -7.06 -17.74
CA ILE A 421 25.11 -7.28 -16.54
C ILE A 421 25.72 -8.67 -16.58
N SER A 422 27.03 -8.72 -16.70
CA SER A 422 27.77 -9.97 -16.74
C SER A 422 28.74 -9.97 -15.57
N ALA A 423 28.48 -10.81 -14.58
CA ALA A 423 29.22 -10.75 -13.33
C ALA A 423 29.69 -12.11 -12.86
N SER A 424 30.99 -12.24 -12.63
CA SER A 424 31.58 -13.49 -12.16
C SER A 424 32.03 -13.35 -10.70
N GLY A 425 31.75 -14.40 -9.92
CA GLY A 425 32.17 -14.45 -8.53
C GLY A 425 31.68 -13.29 -7.67
N PRO A 426 32.59 -12.62 -6.97
CA PRO A 426 32.27 -11.52 -6.06
C PRO A 426 31.52 -10.37 -6.75
N ASN A 427 31.77 -10.18 -8.04
CA ASN A 427 31.11 -9.12 -8.79
C ASN A 427 29.60 -9.34 -8.87
N ALA A 428 29.17 -10.59 -8.78
CA ALA A 428 27.74 -10.90 -8.78
C ALA A 428 27.04 -10.40 -7.52
N ALA A 429 27.83 -10.04 -6.51
CA ALA A 429 27.27 -9.50 -5.27
C ALA A 429 26.97 -8.01 -5.42
N VAL A 430 27.40 -7.42 -6.52
CA VAL A 430 27.09 -6.03 -6.81
C VAL A 430 25.90 -5.97 -7.76
N ILE A 431 24.78 -5.49 -7.25
CA ILE A 431 23.52 -5.47 -8.01
C ILE A 431 23.65 -4.63 -9.28
N HIS A 432 24.21 -3.45 -9.13
CA HIS A 432 24.33 -2.47 -10.20
C HIS A 432 25.66 -2.55 -10.93
N TYR A 433 26.39 -3.66 -10.73
CA TYR A 433 27.76 -3.78 -11.20
C TYR A 433 27.88 -3.40 -12.66
N GLU A 434 28.75 -2.42 -12.93
CA GLU A 434 28.96 -1.91 -14.26
C GLU A 434 30.37 -2.24 -14.67
N CYS A 435 30.51 -3.14 -15.63
CA CYS A 435 31.82 -3.60 -16.03
C CYS A 435 32.54 -2.54 -16.84
N THR A 436 33.68 -2.08 -16.34
CA THR A 436 34.48 -1.08 -17.01
C THR A 436 35.61 -1.76 -17.73
N ASP A 437 36.48 -0.98 -18.38
CA ASP A 437 37.64 -1.55 -19.04
C ASP A 437 38.67 -1.96 -17.99
N LYS A 438 38.68 -1.25 -16.87
CA LYS A 438 39.58 -1.57 -15.77
C LYS A 438 38.95 -2.49 -14.73
N THR A 439 37.64 -2.67 -14.78
CA THR A 439 36.94 -3.53 -13.82
C THR A 439 36.74 -4.94 -14.39
N ASN A 440 36.99 -5.10 -15.68
CA ASN A 440 36.73 -6.36 -16.37
C ASN A 440 37.48 -7.54 -15.74
N ALA A 441 36.75 -8.57 -15.37
CA ALA A 441 37.33 -9.70 -14.67
C ALA A 441 37.34 -10.97 -15.53
N THR A 442 38.37 -11.78 -15.33
CA THR A 442 38.45 -13.09 -15.95
C THR A 442 37.35 -14.00 -15.42
N ILE A 443 36.69 -14.74 -16.32
CA ILE A 443 35.67 -15.70 -15.91
C ILE A 443 36.29 -16.77 -15.04
N LYS A 444 35.66 -17.05 -13.91
CA LYS A 444 36.20 -18.00 -12.94
C LYS A 444 35.25 -19.17 -12.76
N PRO A 445 35.79 -20.31 -12.27
CA PRO A 445 34.93 -21.46 -11.94
C PRO A 445 34.09 -21.18 -10.69
N ALA A 446 33.17 -20.23 -10.81
CA ALA A 446 32.36 -19.80 -9.69
C ALA A 446 30.97 -19.40 -10.18
N ILE A 447 30.20 -18.79 -9.28
CA ILE A 447 28.90 -18.22 -9.63
C ILE A 447 29.03 -17.27 -10.82
N TYR A 448 28.10 -17.37 -11.77
CA TYR A 448 28.04 -16.40 -12.86
C TYR A 448 26.62 -15.89 -13.02
N LEU A 449 26.45 -14.57 -12.95
CA LEU A 449 25.14 -13.94 -13.07
C LEU A 449 25.05 -13.20 -14.40
N LEU A 450 23.96 -13.42 -15.12
CA LEU A 450 23.75 -12.72 -16.39
C LEU A 450 22.37 -12.10 -16.45
N ASP A 451 22.32 -10.76 -16.42
CA ASP A 451 21.07 -10.04 -16.59
C ASP A 451 21.12 -9.33 -17.94
N SER A 452 20.20 -9.71 -18.82
CA SER A 452 20.22 -9.20 -20.18
C SER A 452 18.84 -9.22 -20.80
N GLY A 453 18.68 -8.47 -21.88
CA GLY A 453 17.43 -8.42 -22.60
C GLY A 453 17.66 -7.74 -23.93
N GLY A 454 16.62 -7.67 -24.73
CA GLY A 454 16.74 -7.04 -26.03
C GLY A 454 15.47 -6.35 -26.45
N GLN A 455 15.62 -5.47 -27.44
CA GLN A 455 14.48 -4.82 -28.06
C GLN A 455 14.16 -5.53 -29.37
N TYR A 456 12.91 -5.97 -29.49
CA TYR A 456 12.43 -6.55 -30.74
C TYR A 456 11.25 -5.74 -31.22
N LEU A 457 10.92 -5.88 -32.50
CA LEU A 457 9.66 -5.35 -33.01
C LEU A 457 8.51 -6.06 -32.27
N HIS A 458 8.80 -7.24 -31.76
CA HIS A 458 7.84 -8.04 -31.01
C HIS A 458 7.68 -7.57 -29.57
N GLY A 459 8.69 -6.89 -29.03
CA GLY A 459 8.62 -6.42 -27.66
C GLY A 459 9.95 -6.26 -26.94
N THR A 460 9.87 -5.96 -25.63
CA THR A 460 11.06 -5.76 -24.80
C THR A 460 11.23 -6.90 -23.79
N THR A 461 12.41 -7.52 -23.78
CA THR A 461 12.68 -8.64 -22.90
C THR A 461 13.66 -8.29 -21.80
N ASP A 462 13.45 -8.89 -20.63
CA ASP A 462 14.35 -8.74 -19.49
C ASP A 462 14.45 -10.09 -18.77
N VAL A 463 15.66 -10.65 -18.68
CA VAL A 463 15.82 -11.96 -18.06
C VAL A 463 17.15 -12.10 -17.33
N THR A 464 17.11 -12.72 -16.15
CA THR A 464 18.34 -13.03 -15.43
C THR A 464 18.43 -14.52 -15.12
N ARG A 465 19.61 -15.09 -15.37
CA ARG A 465 19.89 -16.45 -14.96
C ARG A 465 21.20 -16.47 -14.20
N THR A 466 21.26 -17.30 -13.16
CA THR A 466 22.51 -17.49 -12.44
C THR A 466 22.96 -18.93 -12.62
N THR A 467 24.24 -19.11 -12.91
CA THR A 467 24.78 -20.45 -13.08
C THR A 467 26.11 -20.58 -12.36
N HIS A 468 26.76 -21.73 -12.51
CA HIS A 468 28.04 -21.98 -11.86
C HIS A 468 28.97 -22.73 -12.80
N PHE A 469 30.18 -22.21 -12.99
CA PHE A 469 31.14 -22.83 -13.90
C PHE A 469 32.12 -23.73 -13.17
N GLY A 470 32.03 -23.72 -11.84
CA GLY A 470 32.84 -24.56 -10.96
C GLY A 470 32.02 -25.64 -10.28
N GLU A 471 32.49 -26.06 -9.10
CA GLU A 471 31.71 -26.93 -8.24
C GLU A 471 31.04 -26.12 -7.13
N PRO A 472 29.71 -25.98 -7.20
CA PRO A 472 28.92 -25.15 -6.27
C PRO A 472 29.03 -25.59 -4.82
N THR A 473 29.28 -24.62 -3.92
CA THR A 473 29.28 -24.87 -2.49
C THR A 473 27.85 -25.02 -1.95
N ALA A 474 27.74 -25.61 -0.76
CA ALA A 474 26.45 -25.78 -0.11
C ALA A 474 25.77 -24.43 0.13
N GLU A 475 26.56 -23.43 0.49
CA GLU A 475 26.04 -22.09 0.70
C GLU A 475 25.46 -21.52 -0.59
N GLU A 476 26.19 -21.69 -1.69
CA GLU A 476 25.74 -21.20 -2.99
C GLU A 476 24.43 -21.86 -3.43
N LYS A 477 24.33 -23.18 -3.26
CA LYS A 477 23.11 -23.88 -3.62
C LYS A 477 21.95 -23.46 -2.73
N ARG A 478 22.23 -23.26 -1.45
CA ARG A 478 21.20 -22.84 -0.51
C ARG A 478 20.64 -21.49 -0.90
N ILE A 479 21.53 -20.52 -1.12
CA ILE A 479 21.12 -19.16 -1.50
C ILE A 479 20.32 -19.16 -2.81
N TYR A 480 20.81 -19.89 -3.81
CA TYR A 480 20.12 -20.00 -5.09
C TYR A 480 18.71 -20.55 -4.92
N THR A 481 18.59 -21.58 -4.10
CA THR A 481 17.32 -22.28 -3.92
C THR A 481 16.34 -21.44 -3.09
N LEU A 482 16.86 -20.72 -2.10
CA LEU A 482 16.02 -19.80 -1.33
C LEU A 482 15.47 -18.71 -2.24
N VAL A 483 16.31 -18.24 -3.16
CA VAL A 483 15.85 -17.26 -4.14
C VAL A 483 14.87 -17.89 -5.11
N LEU A 484 15.19 -19.09 -5.59
CA LEU A 484 14.33 -19.80 -6.54
C LEU A 484 12.92 -20.04 -6.00
N LYS A 485 12.83 -20.35 -4.71
CA LYS A 485 11.55 -20.63 -4.07
C LYS A 485 10.61 -19.42 -4.13
N GLY A 486 11.15 -18.24 -3.85
CA GLY A 486 10.38 -17.01 -3.97
C GLY A 486 9.96 -16.78 -5.41
N HIS A 487 10.89 -17.01 -6.33
CA HIS A 487 10.64 -16.85 -7.76
C HIS A 487 9.54 -17.81 -8.24
N LEU A 488 9.67 -19.08 -7.87
CA LEU A 488 8.70 -20.10 -8.25
C LEU A 488 7.32 -19.81 -7.66
N ARG A 489 7.30 -19.31 -6.44
CA ARG A 489 6.04 -18.95 -5.80
C ARG A 489 5.32 -17.87 -6.60
N LEU A 490 6.08 -16.84 -6.99
CA LEU A 490 5.51 -15.69 -7.70
C LEU A 490 5.09 -16.07 -9.13
N ARG A 491 5.68 -17.14 -9.67
CA ARG A 491 5.27 -17.62 -10.99
C ARG A 491 3.82 -18.09 -10.98
N LYS A 492 3.52 -18.98 -10.05
CA LYS A 492 2.23 -19.66 -10.01
C LYS A 492 1.21 -19.13 -9.00
N VAL A 493 1.56 -18.07 -8.28
CA VAL A 493 0.73 -17.62 -7.16
C VAL A 493 -0.71 -17.32 -7.58
N ILE A 494 -1.66 -17.79 -6.77
CA ILE A 494 -3.07 -17.52 -6.99
C ILE A 494 -3.55 -16.50 -5.97
N PHE A 495 -4.10 -15.39 -6.45
CA PHE A 495 -4.48 -14.28 -5.59
C PHE A 495 -5.78 -13.64 -6.06
N ALA A 496 -6.63 -13.26 -5.11
CA ALA A 496 -7.85 -12.54 -5.43
C ALA A 496 -7.51 -11.21 -6.09
N SER A 497 -8.37 -10.76 -7.00
CA SER A 497 -8.06 -9.60 -7.83
C SER A 497 -7.80 -8.32 -7.05
N TYR A 498 -8.27 -8.25 -5.82
CA TYR A 498 -8.08 -7.04 -5.00
C TYR A 498 -6.72 -7.01 -4.34
N THR A 499 -5.98 -8.11 -4.40
CA THR A 499 -4.72 -8.24 -3.68
C THR A 499 -3.72 -7.18 -4.11
N ASN A 500 -3.21 -6.45 -3.13
CA ASN A 500 -2.16 -5.47 -3.36
C ASN A 500 -0.87 -6.15 -3.82
N SER A 501 -0.22 -5.57 -4.83
CA SER A 501 0.99 -6.17 -5.41
C SER A 501 2.17 -6.21 -4.42
N SER A 502 2.06 -5.47 -3.33
CA SER A 502 3.11 -5.51 -2.31
C SER A 502 3.06 -6.83 -1.54
N ALA A 503 1.90 -7.48 -1.57
CA ALA A 503 1.76 -8.81 -0.99
C ALA A 503 2.51 -9.84 -1.83
N LEU A 504 2.52 -9.61 -3.15
CA LEU A 504 3.23 -10.50 -4.06
C LEU A 504 4.73 -10.31 -3.92
N ASP A 505 5.14 -9.10 -3.58
CA ASP A 505 6.54 -8.81 -3.28
C ASP A 505 7.01 -9.56 -2.04
N PHE A 506 6.12 -9.66 -1.05
CA PHE A 506 6.46 -10.30 0.21
C PHE A 506 6.75 -11.79 0.07
N ILE A 507 5.90 -12.50 -0.67
CA ILE A 507 6.05 -13.95 -0.79
C ILE A 507 7.29 -14.32 -1.62
N ALA A 508 7.83 -13.36 -2.36
CA ALA A 508 9.09 -13.56 -3.07
C ALA A 508 10.28 -13.42 -2.13
N ARG A 509 10.10 -12.62 -1.08
CA ARG A 509 11.11 -12.42 -0.05
C ARG A 509 11.03 -13.45 1.09
N GLU A 510 9.90 -14.15 1.17
CA GLU A 510 9.51 -14.91 2.36
C GLU A 510 10.56 -15.87 2.91
N ASN A 511 11.09 -16.70 2.02
CA ASN A 511 12.07 -17.71 2.39
C ASN A 511 13.40 -17.13 2.81
N LEU A 512 13.72 -15.95 2.28
CA LEU A 512 14.91 -15.22 2.69
C LEU A 512 14.68 -14.58 4.06
N PHE A 513 13.48 -14.05 4.28
CA PHE A 513 13.10 -13.46 5.56
C PHE A 513 13.27 -14.45 6.72
N ASN A 514 12.87 -15.70 6.50
CA ASN A 514 12.97 -16.73 7.54
C ASN A 514 14.41 -16.94 7.96
N ASN A 515 15.32 -16.67 7.05
CA ASN A 515 16.75 -16.75 7.34
C ASN A 515 17.39 -15.39 7.65
N PHE A 516 16.54 -14.37 7.78
CA PHE A 516 16.98 -13.01 8.09
C PHE A 516 17.85 -12.46 6.95
N MET A 517 17.43 -12.71 5.73
CA MET A 517 18.10 -12.19 4.55
C MET A 517 17.11 -11.42 3.69
N ASP A 518 17.61 -10.41 2.96
CA ASP A 518 16.76 -9.57 2.14
C ASP A 518 17.54 -9.12 0.89
N TYR A 519 16.83 -8.59 -0.10
CA TYR A 519 17.51 -7.95 -1.22
C TYR A 519 17.06 -6.50 -1.39
N ASN A 520 18.01 -5.64 -1.79
CA ASN A 520 17.85 -4.20 -1.69
C ASN A 520 17.14 -3.58 -2.89
N HIS A 521 16.56 -4.42 -3.73
CA HIS A 521 15.78 -3.90 -4.84
C HIS A 521 14.35 -4.45 -4.84
N GLY A 522 13.55 -3.98 -5.79
CA GLY A 522 12.17 -4.42 -5.90
C GLY A 522 12.11 -5.82 -6.51
N THR A 523 10.97 -6.48 -6.35
CA THR A 523 10.84 -7.84 -6.87
C THR A 523 10.51 -7.83 -8.36
N GLY A 524 9.74 -6.84 -8.80
CA GLY A 524 9.40 -6.74 -10.21
C GLY A 524 9.02 -5.36 -10.68
N HIS A 525 9.26 -5.12 -11.96
CA HIS A 525 8.92 -3.85 -12.59
C HIS A 525 8.07 -4.12 -13.81
N GLY A 526 7.28 -3.13 -14.21
CA GLY A 526 6.53 -3.24 -15.45
C GLY A 526 7.49 -3.18 -16.61
N VAL A 527 7.09 -3.72 -17.76
CA VAL A 527 7.94 -3.69 -18.95
C VAL A 527 7.15 -3.24 -20.17
N GLY A 528 7.70 -2.28 -20.91
CA GLY A 528 7.02 -1.72 -22.06
C GLY A 528 7.12 -2.60 -23.29
N LEU A 529 6.26 -2.35 -24.27
CA LEU A 529 6.38 -3.09 -25.51
C LEU A 529 7.20 -2.32 -26.54
N THR A 530 8.41 -2.84 -26.74
CA THR A 530 9.42 -2.18 -27.57
C THR A 530 9.60 -0.74 -27.09
N LEU A 531 9.64 -0.50 -25.78
CA LEU A 531 9.81 0.87 -25.32
C LEU A 531 10.89 1.06 -24.26
N ASN A 532 10.54 0.84 -23.00
CA ASN A 532 11.51 0.89 -21.91
C ASN A 532 11.44 -0.42 -21.15
N VAL A 533 12.61 -0.92 -20.75
CA VAL A 533 12.68 -2.16 -20.01
C VAL A 533 12.14 -1.93 -18.58
N HIS A 534 12.17 -0.68 -18.13
CA HIS A 534 11.53 -0.30 -16.87
C HIS A 534 10.35 0.63 -17.13
N GLU A 535 9.14 0.11 -16.94
CA GLU A 535 7.93 0.86 -17.23
C GLU A 535 7.04 1.01 -15.99
N GLY A 536 6.43 2.17 -15.82
CA GLY A 536 5.53 2.41 -14.71
C GLY A 536 4.15 1.86 -15.01
N GLY A 537 3.17 2.21 -14.18
CA GLY A 537 1.81 1.75 -14.38
C GLY A 537 1.49 0.56 -13.49
N CYS A 538 2.55 -0.09 -13.02
CA CYS A 538 2.45 -1.22 -12.11
C CYS A 538 3.85 -1.64 -11.67
N SER A 539 3.91 -2.41 -10.60
CA SER A 539 5.17 -3.00 -10.16
C SER A 539 4.91 -4.07 -9.11
N ILE A 540 5.96 -4.77 -8.72
CA ILE A 540 5.91 -5.61 -7.54
C ILE A 540 7.04 -5.18 -6.61
N GLY A 541 6.70 -4.50 -5.53
CA GLY A 541 7.68 -3.95 -4.63
C GLY A 541 7.14 -3.68 -3.24
N PRO A 542 8.04 -3.46 -2.27
CA PRO A 542 7.65 -3.24 -0.87
C PRO A 542 6.98 -1.89 -0.61
N VAL A 543 7.45 -0.84 -1.30
CA VAL A 543 6.93 0.50 -1.08
C VAL A 543 6.01 0.91 -2.23
N GLY A 544 4.74 1.06 -1.91
CA GLY A 544 3.73 1.45 -2.88
C GLY A 544 3.30 0.18 -3.56
N GLY A 545 2.04 0.11 -3.96
CA GLY A 545 1.51 -1.09 -4.57
C GLY A 545 0.05 -0.90 -4.89
N ALA A 546 -0.46 -1.68 -5.82
CA ALA A 546 -1.88 -1.61 -6.15
C ALA A 546 -2.33 -2.97 -6.61
N PRO A 547 -3.65 -3.17 -6.74
CA PRO A 547 -4.11 -4.41 -7.38
C PRO A 547 -3.58 -4.52 -8.81
N LEU A 548 -3.34 -5.75 -9.23
CA LEU A 548 -2.87 -6.01 -10.59
C LEU A 548 -4.04 -6.31 -11.50
N LYS A 549 -3.92 -5.93 -12.77
CA LYS A 549 -4.98 -6.16 -13.74
C LYS A 549 -4.52 -7.20 -14.75
N LYS A 550 -5.49 -7.88 -15.37
CA LYS A 550 -5.18 -8.86 -16.40
C LYS A 550 -4.33 -8.24 -17.51
N ASN A 551 -3.39 -9.04 -18.02
CA ASN A 551 -2.49 -8.65 -19.11
C ASN A 551 -1.55 -7.50 -18.77
N MET A 552 -1.31 -7.29 -17.48
CA MET A 552 -0.17 -6.47 -17.07
C MET A 552 1.07 -7.33 -17.21
N VAL A 553 2.17 -6.73 -17.64
CA VAL A 553 3.39 -7.49 -17.86
C VAL A 553 4.46 -7.06 -16.86
N LEU A 554 4.92 -8.01 -16.05
CA LEU A 554 5.84 -7.70 -14.97
C LEU A 554 7.03 -8.64 -14.92
N SER A 555 8.14 -8.15 -14.40
CA SER A 555 9.28 -9.00 -14.10
C SER A 555 9.06 -9.71 -12.77
N ASN A 556 9.70 -10.86 -12.61
CA ASN A 556 9.74 -11.54 -11.34
C ASN A 556 11.21 -11.86 -11.07
N GLU A 557 11.84 -11.13 -10.15
CA GLU A 557 13.28 -11.25 -9.98
C GLU A 557 13.79 -11.09 -8.56
N PRO A 558 13.46 -12.04 -7.67
CA PRO A 558 14.09 -12.01 -6.36
C PRO A 558 15.58 -12.29 -6.46
N GLY A 559 16.35 -11.91 -5.44
CA GLY A 559 17.77 -12.20 -5.43
C GLY A 559 18.37 -12.13 -4.05
N TYR A 560 19.65 -12.50 -3.94
CA TYR A 560 20.39 -12.26 -2.71
C TYR A 560 21.86 -12.06 -3.04
N TYR A 561 22.51 -11.17 -2.31
CA TYR A 561 23.86 -10.76 -2.67
C TYR A 561 24.77 -10.82 -1.45
N MET A 562 25.76 -11.70 -1.52
CA MET A 562 26.68 -11.90 -0.41
C MET A 562 27.98 -11.17 -0.72
N LYS A 563 28.20 -10.08 0.01
CA LYS A 563 29.31 -9.16 -0.26
C LYS A 563 30.66 -9.88 -0.29
N ASP A 564 31.45 -9.58 -1.32
CA ASP A 564 32.80 -10.10 -1.50
C ASP A 564 32.84 -11.60 -1.82
N LYS A 565 31.69 -12.25 -1.88
CA LYS A 565 31.66 -13.68 -2.15
C LYS A 565 30.96 -14.01 -3.47
N PHE A 566 29.66 -13.75 -3.54
CA PHE A 566 28.89 -13.99 -4.75
C PHE A 566 27.51 -13.35 -4.66
N GLY A 567 26.72 -13.49 -5.72
CA GLY A 567 25.35 -13.00 -5.72
C GLY A 567 24.48 -13.84 -6.62
N VAL A 568 23.17 -13.81 -6.37
CA VAL A 568 22.23 -14.60 -7.15
C VAL A 568 20.99 -13.78 -7.49
N ARG A 569 20.57 -13.83 -8.75
CA ARG A 569 19.26 -13.31 -9.11
C ARG A 569 18.63 -14.22 -10.17
N ILE A 570 17.33 -14.46 -10.04
CA ILE A 570 16.60 -15.28 -10.99
C ILE A 570 15.40 -14.49 -11.48
N GLU A 571 15.39 -14.16 -12.77
CA GLU A 571 14.39 -13.25 -13.31
C GLU A 571 13.61 -13.79 -14.49
N ASN A 572 12.30 -13.72 -14.38
CA ASN A 572 11.40 -13.99 -15.49
C ASN A 572 10.52 -12.78 -15.77
N MET A 573 9.96 -12.72 -16.96
CA MET A 573 8.84 -11.82 -17.21
C MET A 573 7.58 -12.66 -17.32
N GLN A 574 6.47 -12.13 -16.84
CA GLN A 574 5.22 -12.84 -16.84
C GLN A 574 4.08 -11.85 -16.95
N TYR A 575 2.89 -12.34 -17.27
CA TYR A 575 1.74 -11.46 -17.39
C TYR A 575 0.55 -12.00 -16.62
N VAL A 576 -0.30 -11.09 -16.13
CA VAL A 576 -1.42 -11.46 -15.27
C VAL A 576 -2.57 -12.08 -16.05
N ILE A 577 -3.04 -13.22 -15.57
CA ILE A 577 -4.17 -13.92 -16.18
C ILE A 577 -5.30 -14.08 -15.16
N SER A 578 -6.51 -14.34 -15.66
CA SER A 578 -7.61 -14.72 -14.79
C SER A 578 -7.57 -16.23 -14.56
N LYS A 579 -7.32 -16.64 -13.33
CA LYS A 579 -7.21 -18.06 -13.01
C LYS A 579 -8.56 -18.75 -12.85
N GLU A 580 -9.42 -18.19 -12.02
CA GLU A 580 -10.74 -18.78 -11.78
C GLU A 580 -11.74 -17.73 -11.32
N ILE A 581 -12.99 -17.88 -11.71
CA ILE A 581 -14.04 -17.00 -11.22
C ILE A 581 -15.13 -17.78 -10.51
N THR A 582 -15.31 -17.48 -9.23
CA THR A 582 -16.36 -18.08 -8.43
C THR A 582 -17.49 -17.08 -8.27
N ASP A 583 -18.50 -17.45 -7.47
CA ASP A 583 -19.64 -16.58 -7.25
C ASP A 583 -19.23 -15.23 -6.66
N THR A 584 -18.40 -15.27 -5.60
CA THR A 584 -18.03 -14.06 -4.89
C THR A 584 -16.71 -13.39 -5.31
N THR A 585 -15.87 -14.10 -6.06
CA THR A 585 -14.49 -13.65 -6.22
C THR A 585 -13.86 -14.02 -7.55
N GLU A 586 -13.02 -13.13 -8.08
CA GLU A 586 -12.18 -13.47 -9.22
C GLU A 586 -10.75 -13.70 -8.73
N TYR A 587 -10.21 -14.85 -9.07
CA TYR A 587 -8.84 -15.19 -8.71
C TYR A 587 -7.91 -15.04 -9.90
N LEU A 588 -6.75 -14.42 -9.67
CA LEU A 588 -5.81 -14.13 -10.72
C LEU A 588 -4.52 -14.92 -10.50
N SER A 589 -3.75 -15.09 -11.57
CA SER A 589 -2.43 -15.68 -11.47
C SER A 589 -1.55 -15.16 -12.61
N PHE A 590 -0.40 -15.77 -12.80
CA PHE A 590 0.50 -15.37 -13.87
C PHE A 590 0.70 -16.48 -14.88
N ASP A 591 1.01 -16.10 -16.11
CA ASP A 591 1.48 -17.03 -17.12
C ASP A 591 2.87 -16.61 -17.55
N ASP A 592 3.71 -17.58 -17.87
CA ASP A 592 5.10 -17.30 -18.22
C ASP A 592 5.23 -16.59 -19.57
N LEU A 593 6.16 -15.64 -19.63
CA LEU A 593 6.65 -15.12 -20.90
C LEU A 593 8.02 -15.74 -21.17
N THR A 594 8.95 -15.48 -20.25
CA THR A 594 10.31 -16.01 -20.35
C THR A 594 10.33 -17.53 -20.52
N MET A 595 10.99 -18.01 -21.57
CA MET A 595 11.24 -19.44 -21.65
C MET A 595 12.74 -19.74 -21.63
N TYR A 596 13.27 -20.03 -20.45
CA TYR A 596 14.58 -20.65 -20.33
C TYR A 596 14.65 -21.41 -19.02
N PRO A 597 15.35 -22.55 -19.00
CA PRO A 597 15.36 -23.35 -17.76
C PRO A 597 16.22 -22.75 -16.66
N TYR A 598 16.19 -23.40 -15.49
CA TYR A 598 16.99 -22.96 -14.34
C TYR A 598 18.22 -23.85 -14.18
N GLU A 599 18.99 -23.59 -13.13
CA GLU A 599 20.26 -24.29 -12.98
C GLU A 599 20.20 -25.43 -11.97
N LYS A 600 20.25 -26.66 -12.48
CA LYS A 600 20.14 -27.85 -11.64
C LYS A 600 21.34 -28.02 -10.71
N LYS A 601 22.50 -27.54 -11.14
CA LYS A 601 23.72 -27.67 -10.35
C LYS A 601 23.62 -26.87 -9.05
N LEU A 602 22.77 -25.85 -9.05
CA LEU A 602 22.61 -24.98 -7.89
C LEU A 602 21.42 -25.34 -7.00
N LEU A 603 20.74 -26.43 -7.31
CA LEU A 603 19.54 -26.81 -6.56
C LEU A 603 19.86 -27.48 -5.22
N ASP A 604 19.25 -26.97 -4.15
CA ASP A 604 19.31 -27.59 -2.83
C ASP A 604 18.01 -28.34 -2.55
N PHE A 605 18.05 -29.66 -2.59
CA PHE A 605 16.82 -30.44 -2.54
C PHE A 605 16.26 -30.62 -1.13
N SER A 606 17.02 -30.23 -0.12
CA SER A 606 16.51 -30.27 1.24
C SER A 606 15.51 -29.13 1.44
N LEU A 607 15.64 -28.10 0.60
CA LEU A 607 14.75 -26.95 0.67
C LEU A 607 13.56 -27.04 -0.28
N LEU A 608 13.60 -27.99 -1.23
CA LEU A 608 12.59 -28.06 -2.28
C LEU A 608 11.46 -29.06 -2.00
N THR A 609 10.23 -28.58 -2.05
CA THR A 609 9.05 -29.44 -1.97
C THR A 609 8.82 -30.17 -3.28
N ASN A 610 8.05 -31.25 -3.24
CA ASN A 610 7.71 -31.99 -4.45
C ASN A 610 6.87 -31.19 -5.44
N GLN A 611 6.01 -30.32 -4.91
CA GLN A 611 5.20 -29.46 -5.76
C GLN A 611 6.07 -28.49 -6.55
N GLU A 612 7.10 -27.95 -5.90
CA GLU A 612 8.03 -27.05 -6.56
C GLU A 612 8.82 -27.78 -7.64
N ILE A 613 9.21 -29.01 -7.35
CA ILE A 613 9.91 -29.84 -8.31
C ILE A 613 9.00 -30.14 -9.50
N LYS A 614 7.73 -30.43 -9.23
CA LYS A 614 6.75 -30.67 -10.28
C LYS A 614 6.60 -29.44 -11.18
N GLU A 615 6.57 -28.26 -10.56
CA GLU A 615 6.44 -27.02 -11.32
C GLU A 615 7.71 -26.75 -12.13
N LEU A 616 8.85 -27.14 -11.57
CA LEU A 616 10.12 -27.04 -12.28
C LEU A 616 10.12 -27.92 -13.53
N ASN A 617 9.64 -29.15 -13.38
CA ASN A 617 9.56 -30.07 -14.50
C ASN A 617 8.53 -29.63 -15.53
N GLU A 618 7.42 -29.08 -15.06
CA GLU A 618 6.38 -28.59 -15.94
C GLU A 618 6.90 -27.46 -16.83
N TYR A 619 7.62 -26.53 -16.21
CA TYR A 619 8.23 -25.40 -16.90
C TYR A 619 9.27 -25.86 -17.93
N HIS A 620 10.20 -26.71 -17.49
CA HIS A 620 11.28 -27.18 -18.36
C HIS A 620 10.75 -27.98 -19.55
N THR A 621 9.73 -28.79 -19.32
CA THR A 621 9.12 -29.56 -20.41
C THR A 621 8.47 -28.63 -21.43
N THR A 622 7.77 -27.61 -20.95
CA THR A 622 7.15 -26.62 -21.82
C THR A 622 8.20 -25.92 -22.67
N ILE A 623 9.34 -25.63 -22.06
CA ILE A 623 10.46 -25.03 -22.77
C ILE A 623 10.98 -25.93 -23.88
N ARG A 624 11.15 -27.22 -23.58
CA ARG A 624 11.62 -28.17 -24.58
C ARG A 624 10.62 -28.27 -25.72
N ASN A 625 9.33 -28.37 -25.38
CA ASN A 625 8.29 -28.49 -26.39
C ASN A 625 8.25 -27.28 -27.31
N THR A 626 8.54 -26.10 -26.75
CA THR A 626 8.52 -24.86 -27.51
C THR A 626 9.78 -24.65 -28.36
N LEU A 627 10.94 -24.82 -27.73
CA LEU A 627 12.21 -24.47 -28.38
C LEU A 627 12.78 -25.55 -29.31
N LEU A 628 12.65 -26.82 -28.92
CA LEU A 628 13.30 -27.91 -29.65
C LEU A 628 12.88 -28.02 -31.12
N PRO A 629 11.58 -27.88 -31.44
CA PRO A 629 11.24 -27.93 -32.86
C PRO A 629 11.89 -26.81 -33.67
N LEU A 630 12.03 -25.65 -33.04
CA LEU A 630 12.62 -24.49 -33.69
C LEU A 630 14.12 -24.69 -33.90
N VAL A 631 14.76 -25.33 -32.92
CA VAL A 631 16.18 -25.65 -33.01
C VAL A 631 16.44 -26.63 -34.15
N LYS A 632 15.57 -27.63 -34.25
CA LYS A 632 15.72 -28.69 -35.25
C LYS A 632 15.55 -28.20 -36.69
N GLN A 633 14.64 -27.26 -36.91
CA GLN A 633 14.36 -26.79 -38.26
C GLN A 633 15.47 -25.89 -38.80
N SER A 634 16.42 -25.53 -37.93
CA SER A 634 17.58 -24.76 -38.36
C SER A 634 18.88 -25.40 -37.89
N PRO A 635 19.22 -26.57 -38.46
CA PRO A 635 20.42 -27.33 -38.05
C PRO A 635 21.72 -26.57 -38.32
N GLN A 636 21.73 -25.73 -39.34
CA GLN A 636 22.91 -24.95 -39.68
C GLN A 636 23.19 -23.86 -38.65
N GLU A 637 22.12 -23.31 -38.07
CA GLU A 637 22.25 -22.29 -37.05
C GLU A 637 22.55 -22.85 -35.65
N TYR A 638 22.02 -24.04 -35.35
CA TYR A 638 22.22 -24.63 -34.04
C TYR A 638 22.97 -25.97 -34.11
N GLY A 639 22.31 -27.01 -34.58
CA GLY A 639 22.93 -28.32 -34.70
C GLY A 639 22.55 -29.32 -33.62
N GLU A 640 23.08 -30.52 -33.72
CA GLU A 640 22.78 -31.59 -32.76
C GLU A 640 23.33 -31.33 -31.37
N SER A 641 24.49 -30.70 -31.27
CA SER A 641 25.07 -30.39 -29.97
C SER A 641 24.19 -29.43 -29.18
N VAL A 642 23.58 -28.48 -29.88
CA VAL A 642 22.69 -27.52 -29.25
C VAL A 642 21.40 -28.18 -28.76
N GLU A 643 20.74 -28.93 -29.63
CA GLU A 643 19.49 -29.59 -29.25
C GLU A 643 19.73 -30.61 -28.14
N LYS A 644 20.89 -31.27 -28.17
CA LYS A 644 21.24 -32.23 -27.13
C LYS A 644 21.43 -31.51 -25.80
N TYR A 645 22.00 -30.31 -25.85
CA TYR A 645 22.16 -29.49 -24.65
C TYR A 645 20.80 -29.05 -24.12
N LEU A 646 19.93 -28.66 -25.03
CA LEU A 646 18.57 -28.25 -24.67
C LEU A 646 17.80 -29.37 -23.99
N ILE A 647 17.89 -30.58 -24.55
CA ILE A 647 17.20 -31.74 -24.00
C ILE A 647 17.66 -32.05 -22.57
N GLU A 648 18.96 -31.94 -22.34
CA GLU A 648 19.53 -32.29 -21.04
C GLU A 648 19.09 -31.34 -19.94
N ILE A 649 19.06 -30.04 -20.23
CA ILE A 649 18.71 -29.05 -19.21
C ILE A 649 17.20 -28.95 -19.01
N THR A 650 16.42 -29.51 -19.93
CA THR A 650 14.97 -29.57 -19.77
C THR A 650 14.49 -30.93 -19.25
N GLU A 651 15.44 -31.83 -18.96
CA GLU A 651 15.10 -33.17 -18.48
C GLU A 651 14.44 -33.12 -17.10
N PRO A 652 13.35 -33.88 -16.93
CA PRO A 652 12.61 -33.92 -15.65
C PRO A 652 13.49 -34.32 -14.47
N ILE A 653 13.24 -33.69 -13.32
CA ILE A 653 13.91 -34.02 -12.07
C ILE A 653 13.19 -35.14 -11.33
N ALA A 654 13.95 -36.09 -10.79
CA ALA A 654 13.37 -37.22 -10.05
C ALA A 654 12.66 -36.75 -8.79
N ILE A 655 11.43 -37.22 -8.58
CA ILE A 655 10.65 -36.84 -7.41
C ILE A 655 11.17 -37.49 -6.12
N HIS A 656 11.44 -38.79 -6.19
CA HIS A 656 11.85 -39.57 -5.03
C HIS A 656 13.09 -38.99 -4.33
N ASN B 11 -45.48 -1.37 16.08
CA ASN B 11 -44.64 -0.24 15.73
C ASN B 11 -44.59 -0.01 14.22
N ASN B 12 -45.76 0.22 13.62
CA ASN B 12 -45.93 0.17 12.17
C ASN B 12 -44.98 1.09 11.40
N PRO B 13 -44.15 0.49 10.51
CA PRO B 13 -43.18 1.21 9.69
C PRO B 13 -43.82 2.15 8.69
N ALA B 14 -44.86 1.67 8.02
CA ALA B 14 -45.60 2.46 7.03
C ALA B 14 -46.20 3.69 7.67
N ALA B 15 -46.66 3.53 8.92
CA ALA B 15 -47.21 4.64 9.67
C ALA B 15 -46.12 5.64 10.00
N ARG B 16 -45.01 5.13 10.53
CA ARG B 16 -43.89 5.97 10.91
C ARG B 16 -43.19 6.59 9.70
N LEU B 17 -43.34 5.96 8.54
CA LEU B 17 -42.77 6.49 7.31
C LEU B 17 -43.62 7.63 6.77
N GLU B 18 -44.93 7.42 6.74
CA GLU B 18 -45.86 8.45 6.30
C GLU B 18 -45.95 9.58 7.33
N GLU B 19 -45.65 9.25 8.58
CA GLU B 19 -45.58 10.25 9.64
C GLU B 19 -44.30 11.06 9.48
N LEU B 20 -43.25 10.38 9.02
CA LEU B 20 -41.97 11.02 8.78
C LEU B 20 -42.16 12.04 7.67
N ARG B 21 -43.09 11.73 6.77
CA ARG B 21 -43.32 12.55 5.60
C ARG B 21 -44.22 13.75 5.91
N THR B 22 -44.81 13.78 7.10
CA THR B 22 -45.56 14.94 7.55
C THR B 22 -44.65 16.06 8.08
N ILE B 23 -43.54 15.66 8.70
CA ILE B 23 -42.60 16.63 9.25
C ILE B 23 -41.66 17.25 8.21
N MET B 24 -41.26 16.48 7.19
CA MET B 24 -40.40 17.03 6.14
C MET B 24 -41.16 17.94 5.17
N LYS B 25 -42.35 17.53 4.74
CA LYS B 25 -43.11 18.28 3.74
C LYS B 25 -43.38 19.72 4.17
N LYS B 26 -43.68 19.91 5.45
CA LYS B 26 -43.93 21.24 5.99
C LYS B 26 -42.64 22.07 5.99
N ASN B 27 -41.50 21.39 6.01
CA ASN B 27 -40.20 22.03 6.02
C ASN B 27 -39.58 22.13 4.62
N LYS B 28 -40.35 21.70 3.62
CA LYS B 28 -39.98 21.84 2.21
C LYS B 28 -38.73 21.01 1.87
N VAL B 31 -35.08 15.32 0.11
CA VAL B 31 -34.47 14.08 0.55
C VAL B 31 -33.87 14.20 1.95
N TYR B 32 -34.35 13.37 2.87
CA TYR B 32 -33.76 13.28 4.20
C TYR B 32 -32.81 12.10 4.21
N ILE B 33 -31.63 12.30 4.81
CA ILE B 33 -30.65 11.23 4.84
C ILE B 33 -30.33 10.82 6.27
N LEU B 34 -30.73 9.60 6.62
CA LEU B 34 -30.50 9.06 7.94
C LEU B 34 -29.37 8.04 7.90
N ILE B 35 -28.51 8.09 8.91
CA ILE B 35 -27.35 7.23 8.99
C ILE B 35 -27.28 6.66 10.40
N ASN B 36 -26.80 5.43 10.55
CA ASN B 36 -26.58 4.93 11.90
C ASN B 36 -25.18 5.32 12.34
N SER B 37 -25.14 6.33 13.20
CA SER B 37 -23.89 6.89 13.71
C SER B 37 -24.20 7.73 14.94
N ASP B 38 -23.19 8.02 15.74
CA ASP B 38 -23.33 9.04 16.76
C ASP B 38 -22.34 10.15 16.48
N GLU B 39 -22.29 11.17 17.35
CA GLU B 39 -21.51 12.36 17.05
C GLU B 39 -20.02 12.13 17.19
N HIS B 40 -19.64 11.06 17.88
CA HIS B 40 -18.24 10.71 18.06
C HIS B 40 -17.77 9.59 17.11
N ASN B 41 -18.66 9.16 16.22
CA ASN B 41 -18.33 8.16 15.21
C ASN B 41 -17.97 6.80 15.82
N SER B 42 -18.74 6.41 16.84
CA SER B 42 -18.56 5.11 17.48
C SER B 42 -19.15 3.99 16.62
N GLU B 43 -18.49 2.83 16.64
CA GLU B 43 -19.00 1.66 15.94
C GLU B 43 -20.33 1.21 16.51
N ILE B 44 -20.40 1.12 17.84
CA ILE B 44 -21.64 0.78 18.52
C ILE B 44 -22.30 2.04 19.08
N ILE B 45 -23.53 2.32 18.63
CA ILE B 45 -24.25 3.52 19.04
C ILE B 45 -25.36 3.18 20.03
N ASN B 46 -25.66 4.13 20.90
CA ASN B 46 -26.68 3.92 21.91
C ASN B 46 -28.09 4.07 21.36
N GLU B 47 -29.09 3.85 22.21
CA GLU B 47 -30.48 3.86 21.77
C GLU B 47 -30.93 5.21 21.25
N LYS B 48 -30.35 6.28 21.77
CA LYS B 48 -30.76 7.62 21.38
C LYS B 48 -30.44 7.92 19.92
N ASP B 49 -29.45 7.23 19.37
CA ASP B 49 -29.01 7.47 18.00
C ASP B 49 -29.56 6.50 16.95
N LYS B 50 -30.45 5.58 17.31
CA LYS B 50 -30.94 4.68 16.29
C LYS B 50 -32.28 5.18 15.77
N LYS B 51 -32.22 5.91 14.66
CA LYS B 51 -33.40 6.43 13.98
C LYS B 51 -33.94 5.50 12.90
N ILE B 52 -33.02 4.92 12.12
CA ILE B 52 -33.37 4.10 10.97
C ILE B 52 -34.26 2.92 11.36
N VAL B 53 -33.91 2.27 12.48
CA VAL B 53 -34.67 1.12 12.97
C VAL B 53 -36.11 1.52 13.32
N LYS B 54 -36.31 2.75 13.75
CA LYS B 54 -37.64 3.20 14.16
C LYS B 54 -38.56 3.27 12.94
N ILE B 55 -38.02 3.70 11.82
CA ILE B 55 -38.77 3.75 10.57
C ILE B 55 -38.82 2.40 9.84
N THR B 56 -37.66 1.75 9.72
CA THR B 56 -37.54 0.56 8.89
C THR B 56 -37.66 -0.80 9.60
N ASN B 57 -37.68 -0.78 10.94
CA ASN B 57 -37.53 -2.00 11.74
C ASN B 57 -36.30 -2.81 11.36
N TYR B 58 -35.26 -2.13 10.88
CA TYR B 58 -33.97 -2.76 10.61
C TYR B 58 -32.99 -2.42 11.72
N SER B 59 -32.62 -3.41 12.52
CA SER B 59 -31.84 -3.19 13.72
C SER B 59 -30.34 -3.36 13.48
N GLY B 60 -29.96 -3.62 12.23
CA GLY B 60 -28.56 -3.79 11.89
C GLY B 60 -27.74 -2.54 12.18
N ALA B 61 -26.49 -2.75 12.61
CA ALA B 61 -25.63 -1.64 13.02
C ALA B 61 -25.32 -0.69 11.87
N ASP B 62 -24.88 -1.25 10.74
CA ASP B 62 -24.51 -0.44 9.59
C ASP B 62 -25.70 -0.17 8.69
N GLY B 63 -25.98 1.12 8.44
CA GLY B 63 -27.00 1.47 7.47
C GLY B 63 -27.08 2.94 7.12
N ILE B 64 -27.56 3.22 5.90
CA ILE B 64 -27.84 4.57 5.46
C ILE B 64 -29.18 4.55 4.71
N LEU B 65 -30.11 5.39 5.15
CA LEU B 65 -31.44 5.38 4.58
C LEU B 65 -31.69 6.64 3.75
N ILE B 66 -31.92 6.44 2.46
CA ILE B 66 -32.25 7.54 1.56
C ILE B 66 -33.76 7.67 1.40
N VAL B 67 -34.31 8.77 1.91
CA VAL B 67 -35.77 8.95 1.91
C VAL B 67 -36.21 10.01 0.91
N THR B 68 -36.89 9.57 -0.14
CA THR B 68 -37.36 10.47 -1.18
C THR B 68 -38.86 10.31 -1.39
N LYS B 69 -39.40 10.99 -2.40
CA LYS B 69 -40.82 10.87 -2.74
C LYS B 69 -41.12 9.46 -3.26
N ASP B 70 -40.11 8.83 -3.85
CA ASP B 70 -40.23 7.44 -4.30
C ASP B 70 -40.05 6.48 -3.13
N LYS B 71 -40.00 5.19 -3.43
CA LYS B 71 -39.71 4.19 -2.41
C LYS B 71 -38.27 4.36 -1.93
N PRO B 72 -38.09 4.52 -0.61
CA PRO B 72 -36.78 4.80 -0.01
C PRO B 72 -35.74 3.72 -0.29
N ILE B 73 -34.48 4.12 -0.32
CA ILE B 73 -33.38 3.19 -0.57
C ILE B 73 -32.50 3.05 0.65
N LEU B 74 -32.32 1.81 1.11
CA LEU B 74 -31.45 1.55 2.25
C LEU B 74 -30.13 0.91 1.81
N TYR B 75 -29.02 1.52 2.19
CA TYR B 75 -27.71 0.97 1.93
C TYR B 75 -27.10 0.37 3.18
N VAL B 76 -26.78 -0.91 3.13
CA VAL B 76 -26.11 -1.58 4.24
C VAL B 76 -24.84 -2.30 3.76
N ASN B 77 -23.89 -2.47 4.67
CA ASN B 77 -22.69 -3.24 4.38
C ASN B 77 -23.06 -4.69 4.06
N ALA B 78 -22.24 -5.34 3.25
CA ALA B 78 -22.49 -6.72 2.81
C ALA B 78 -22.72 -7.70 3.96
N LEU B 79 -22.02 -7.51 5.08
CA LEU B 79 -22.12 -8.44 6.20
C LEU B 79 -23.48 -8.36 6.90
N TYR B 80 -24.21 -7.28 6.69
CA TYR B 80 -25.54 -7.10 7.27
C TYR B 80 -26.66 -7.47 6.30
N GLU B 81 -26.30 -7.94 5.12
CA GLU B 81 -27.28 -8.24 4.07
C GLU B 81 -28.30 -9.30 4.47
N LEU B 82 -27.83 -10.39 5.06
CA LEU B 82 -28.71 -11.46 5.49
C LEU B 82 -29.73 -10.97 6.51
N GLN B 83 -29.26 -10.23 7.51
CA GLN B 83 -30.12 -9.68 8.56
C GLN B 83 -31.13 -8.69 7.98
N ALA B 84 -30.68 -7.90 7.02
CA ALA B 84 -31.52 -6.89 6.40
C ALA B 84 -32.64 -7.51 5.56
N MET B 85 -32.38 -8.69 5.00
CA MET B 85 -33.34 -9.28 4.07
C MET B 85 -34.62 -9.79 4.72
N ASN B 86 -34.52 -10.44 5.87
CA ASN B 86 -35.71 -10.94 6.55
C ASN B 86 -36.39 -9.90 7.44
N GLU B 87 -35.65 -8.87 7.84
CA GLU B 87 -36.21 -7.83 8.72
C GLU B 87 -36.95 -6.75 7.93
N LEU B 88 -36.29 -6.23 6.90
CA LEU B 88 -36.79 -5.11 6.12
C LEU B 88 -37.97 -5.55 5.25
N ASP B 89 -38.93 -4.67 5.03
CA ASP B 89 -39.93 -4.98 4.01
C ASP B 89 -39.47 -4.31 2.73
N GLN B 90 -39.27 -5.14 1.71
CA GLN B 90 -38.59 -4.73 0.49
C GLN B 90 -39.54 -4.15 -0.55
N ASN B 91 -40.83 -4.28 -0.31
CA ASN B 91 -41.83 -3.65 -1.16
C ASN B 91 -41.97 -2.18 -0.81
N LEU B 92 -41.64 -1.85 0.44
CA LEU B 92 -41.60 -0.48 0.91
C LEU B 92 -40.24 0.18 0.62
N PHE B 93 -39.18 -0.43 1.15
CA PHE B 93 -37.84 0.14 1.01
C PHE B 93 -37.01 -0.68 0.02
N THR B 94 -36.19 0.02 -0.77
CA THR B 94 -35.28 -0.65 -1.69
C THR B 94 -33.94 -0.97 -1.01
N LEU B 95 -33.58 -2.25 -1.02
CA LEU B 95 -32.34 -2.68 -0.39
C LEU B 95 -31.19 -2.78 -1.39
N ARG B 96 -30.16 -1.98 -1.18
CA ARG B 96 -28.93 -2.07 -1.97
C ARG B 96 -27.77 -2.48 -1.07
N ILE B 97 -26.78 -3.16 -1.64
CA ILE B 97 -25.67 -3.69 -0.86
C ILE B 97 -24.34 -3.05 -1.22
N SER B 98 -23.51 -2.78 -0.22
CA SER B 98 -22.20 -2.19 -0.42
C SER B 98 -21.06 -3.18 -0.23
N ARG B 99 -20.39 -3.57 -1.30
CA ARG B 99 -19.22 -4.45 -1.17
C ARG B 99 -17.93 -3.68 -1.43
N ILE B 100 -16.82 -4.41 -1.43
CA ILE B 100 -15.50 -3.81 -1.58
C ILE B 100 -15.35 -3.04 -2.89
N ASP B 101 -16.03 -3.47 -3.94
CA ASP B 101 -15.94 -2.71 -5.18
C ASP B 101 -17.10 -1.72 -5.43
N ASN B 102 -18.18 -1.76 -4.66
CA ASN B 102 -19.28 -0.83 -4.90
C ASN B 102 -19.30 0.33 -3.89
N ARG B 103 -18.18 0.55 -3.19
CA ARG B 103 -18.07 1.50 -2.06
C ARG B 103 -18.74 2.87 -2.35
N ASP B 104 -18.51 3.41 -3.54
CA ASP B 104 -19.05 4.72 -3.90
C ASP B 104 -20.40 4.66 -4.64
N GLU B 105 -20.97 3.48 -4.76
CA GLU B 105 -22.25 3.30 -5.45
C GLU B 105 -23.33 4.26 -4.93
N ILE B 106 -23.42 4.39 -3.60
CA ILE B 106 -24.44 5.20 -2.97
C ILE B 106 -24.31 6.68 -3.35
N PHE B 107 -23.08 7.14 -3.52
CA PHE B 107 -22.85 8.53 -3.91
C PHE B 107 -23.30 8.75 -5.35
N GLU B 108 -23.02 7.77 -6.20
CA GLU B 108 -23.59 7.73 -7.54
C GLU B 108 -25.10 7.58 -7.43
N THR B 109 -25.54 6.69 -6.54
CA THR B 109 -26.96 6.40 -6.34
C THR B 109 -27.66 7.66 -5.86
N ILE B 110 -27.01 8.38 -4.95
CA ILE B 110 -27.55 9.65 -4.50
C ILE B 110 -27.54 10.53 -5.73
N PHE B 115 -33.50 16.29 -7.30
CA PHE B 115 -33.52 16.67 -5.89
C PHE B 115 -33.08 18.12 -5.65
N ASN B 116 -33.72 18.81 -4.69
CA ASN B 116 -33.38 20.23 -4.44
C ASN B 116 -32.77 20.72 -3.11
N THR B 117 -33.48 20.58 -1.98
CA THR B 117 -32.95 21.05 -0.73
C THR B 117 -32.81 19.72 -0.03
N ILE B 118 -31.59 19.31 0.24
CA ILE B 118 -31.38 18.02 0.90
C ILE B 118 -30.92 18.21 2.35
N ALA B 119 -31.35 17.33 3.24
CA ALA B 119 -31.10 17.48 4.67
C ALA B 119 -30.32 16.32 5.29
N PHE B 120 -29.60 16.63 6.37
CA PHE B 120 -28.79 15.65 7.08
C PHE B 120 -28.90 15.86 8.59
N ASP B 121 -28.72 14.79 9.36
CA ASP B 121 -28.55 14.97 10.79
C ASP B 121 -27.15 15.50 11.03
N GLY B 122 -27.07 16.68 11.63
CA GLY B 122 -25.79 17.37 11.77
C GLY B 122 -24.85 16.65 12.72
N LYS B 123 -25.41 16.07 13.78
CA LYS B 123 -24.58 15.38 14.75
C LYS B 123 -24.40 13.90 14.42
N ASN B 124 -25.23 13.37 13.54
CA ASN B 124 -25.10 11.97 13.14
C ASN B 124 -24.37 11.75 11.82
N THR B 125 -23.92 12.82 11.18
CA THR B 125 -23.25 12.72 9.90
C THR B 125 -21.80 13.18 9.96
N SER B 126 -20.90 12.34 9.47
CA SER B 126 -19.48 12.68 9.39
C SER B 126 -19.23 13.58 8.19
N VAL B 127 -18.14 14.35 8.25
CA VAL B 127 -17.78 15.22 7.14
C VAL B 127 -17.33 14.42 5.93
N VAL B 128 -16.90 13.17 6.16
CA VAL B 128 -16.45 12.31 5.08
C VAL B 128 -17.61 11.99 4.13
N PHE B 129 -18.75 11.59 4.70
CA PHE B 129 -19.92 11.31 3.89
C PHE B 129 -20.47 12.60 3.28
N TYR B 130 -20.38 13.69 4.03
CA TYR B 130 -20.91 14.97 3.59
C TYR B 130 -20.13 15.56 2.43
N GLU B 131 -18.80 15.62 2.59
CA GLU B 131 -17.94 16.23 1.58
C GLU B 131 -17.90 15.40 0.30
N LYS B 132 -17.91 14.08 0.46
CA LYS B 132 -17.85 13.18 -0.69
C LYS B 132 -19.16 13.24 -1.49
N LEU B 133 -20.26 13.43 -0.79
CA LEU B 133 -21.56 13.55 -1.45
C LEU B 133 -21.67 14.86 -2.21
N ARG B 134 -21.15 15.93 -1.61
CA ARG B 134 -21.26 17.26 -2.20
C ARG B 134 -20.35 17.40 -3.42
N LYS B 135 -19.14 16.87 -3.30
CA LYS B 135 -18.19 16.90 -4.42
C LYS B 135 -18.68 16.07 -5.60
N ALA B 136 -19.31 14.93 -5.31
CA ALA B 136 -19.84 14.06 -6.34
C ALA B 136 -21.00 14.67 -7.13
N LEU B 137 -21.87 15.40 -6.43
CA LEU B 137 -23.08 15.93 -7.06
C LEU B 137 -22.73 17.16 -7.89
N LEU B 138 -21.70 17.86 -7.46
CA LEU B 138 -21.12 18.95 -8.22
C LEU B 138 -20.45 18.43 -9.49
N ASN B 139 -19.97 17.19 -9.45
CA ASN B 139 -19.08 16.71 -10.50
C ASN B 139 -19.76 16.45 -11.83
N ALA B 140 -21.06 16.16 -11.85
CA ALA B 140 -21.90 16.87 -12.80
C ALA B 140 -23.24 17.26 -12.19
N TYR B 141 -23.31 18.44 -11.59
CA TYR B 141 -24.41 19.38 -11.74
C TYR B 141 -23.78 20.75 -11.55
N PRO B 142 -23.03 21.24 -12.54
CA PRO B 142 -22.30 22.49 -12.27
C PRO B 142 -23.21 23.70 -12.07
N LYS B 145 -25.37 25.25 -8.72
CA LYS B 145 -24.48 25.56 -7.61
C LYS B 145 -25.18 25.28 -6.27
N ILE B 146 -24.38 24.88 -5.29
CA ILE B 146 -24.92 24.46 -4.00
C ILE B 146 -24.77 25.51 -2.90
N VAL B 147 -25.83 25.68 -2.11
CA VAL B 147 -25.81 26.58 -0.95
C VAL B 147 -26.12 25.80 0.33
N GLU B 148 -25.31 26.01 1.36
CA GLU B 148 -25.40 25.23 2.60
C GLU B 148 -25.75 26.07 3.83
N LYS B 149 -26.77 25.63 4.57
CA LYS B 149 -27.22 26.35 5.76
C LYS B 149 -27.38 25.42 6.96
N ILE B 150 -27.09 25.94 8.15
CA ILE B 150 -27.34 25.23 9.39
C ILE B 150 -28.72 25.55 9.94
N ILE B 151 -29.49 24.54 10.31
CA ILE B 151 -30.83 24.76 10.86
C ILE B 151 -30.87 24.52 12.37
N TYR B 152 -31.03 25.59 13.13
CA TYR B 152 -31.11 25.49 14.59
C TYR B 152 -32.56 25.46 15.06
N ASN B 153 -32.84 24.61 16.05
CA ASN B 153 -34.15 24.53 16.71
C ASN B 153 -35.35 24.48 15.76
N ASN B 154 -35.17 23.77 14.64
CA ASN B 154 -36.24 23.53 13.67
C ASN B 154 -36.85 24.77 13.02
N ASN B 155 -36.08 25.86 12.92
CA ASN B 155 -36.56 27.01 12.17
C ASN B 155 -35.94 27.01 10.78
N PHE B 156 -36.74 26.67 9.78
CA PHE B 156 -36.28 26.52 8.40
C PHE B 156 -36.60 27.72 7.50
N ASP B 157 -37.22 28.74 8.07
CA ASP B 157 -37.84 29.78 7.26
C ASP B 157 -36.87 30.85 6.73
N ASP B 158 -35.58 30.68 7.04
CA ASP B 158 -34.57 31.63 6.60
C ASP B 158 -34.00 31.23 5.24
N VAL B 159 -34.55 30.19 4.65
CA VAL B 159 -34.06 29.70 3.37
C VAL B 159 -35.18 29.04 2.56
N PHE B 170 -28.11 22.49 0.83
CA PHE B 170 -27.77 21.52 1.86
C PHE B 170 -28.16 22.03 3.24
N LEU B 171 -29.06 21.31 3.91
CA LEU B 171 -29.54 21.72 5.23
C LEU B 171 -28.98 20.82 6.32
N VAL B 172 -28.20 21.41 7.22
CA VAL B 172 -27.65 20.69 8.35
C VAL B 172 -28.48 20.95 9.62
N LEU B 173 -29.07 19.89 10.16
CA LEU B 173 -30.02 20.03 11.25
C LEU B 173 -29.37 19.82 12.62
N GLU B 174 -29.54 20.79 13.52
CA GLU B 174 -29.07 20.63 14.89
C GLU B 174 -29.89 19.54 15.57
N LYS B 175 -31.21 19.71 15.56
CA LYS B 175 -32.10 18.70 16.10
C LYS B 175 -32.56 17.78 14.97
N SER B 176 -32.57 16.48 15.24
CA SER B 176 -32.97 15.51 14.23
C SER B 176 -34.47 15.53 14.01
N LEU B 177 -34.90 15.07 12.84
CA LEU B 177 -36.31 15.02 12.51
C LEU B 177 -36.97 13.82 13.17
N VAL B 178 -36.20 12.76 13.38
CA VAL B 178 -36.68 11.58 14.10
C VAL B 178 -36.34 11.68 15.59
N LYS B 181 -36.96 9.27 21.30
CA LYS B 181 -35.93 9.88 22.12
C LYS B 181 -36.38 10.00 23.58
N ASP B 182 -36.96 8.93 24.11
CA ASP B 182 -37.42 8.88 25.49
C ASP B 182 -36.49 8.16 26.46
N TYR B 183 -35.32 7.72 26.00
CA TYR B 183 -34.74 6.48 26.49
C TYR B 183 -33.46 6.66 27.33
N PRO B 184 -32.94 5.58 27.95
CA PRO B 184 -32.31 5.79 29.27
C PRO B 184 -30.97 6.52 29.30
N VAL B 185 -30.64 7.02 30.49
CA VAL B 185 -29.48 7.87 30.71
C VAL B 185 -28.56 7.26 31.76
N ASN B 186 -27.26 7.46 31.58
CA ASN B 186 -26.24 6.93 32.47
C ASN B 186 -25.76 7.92 33.52
N ASN B 187 -26.06 7.65 34.78
CA ASN B 187 -25.61 8.47 35.89
C ASN B 187 -24.36 7.93 36.58
N LYS B 188 -23.88 6.78 36.11
CA LYS B 188 -22.71 6.13 36.70
C LYS B 188 -21.45 7.00 36.55
N THR B 189 -20.59 6.90 37.55
CA THR B 189 -19.46 7.82 37.71
C THR B 189 -18.23 7.46 36.87
N LEU B 190 -17.50 8.47 36.43
CA LEU B 190 -16.19 8.27 35.79
C LEU B 190 -15.17 7.83 36.83
N TYR B 191 -14.19 7.05 36.41
CA TYR B 191 -13.14 6.60 37.31
C TYR B 191 -11.75 6.69 36.68
N ILE B 192 -10.73 6.76 37.54
CA ILE B 192 -9.34 6.87 37.07
C ILE B 192 -8.79 5.50 36.70
N HIS B 193 -8.10 5.44 35.56
CA HIS B 193 -7.38 4.24 35.15
C HIS B 193 -5.97 4.32 35.71
N ASP B 194 -5.66 3.43 36.65
CA ASP B 194 -4.41 3.50 37.41
C ASP B 194 -3.18 3.37 36.52
N ARG B 195 -2.08 4.01 36.95
CA ARG B 195 -0.83 3.98 36.19
C ARG B 195 -0.27 2.58 36.05
N LYS B 196 -0.54 1.74 37.06
CA LYS B 196 -0.04 0.37 37.06
C LYS B 196 -0.59 -0.41 35.87
N TYR B 197 -1.76 -0.04 35.38
CA TYR B 197 -2.31 -0.67 34.19
C TYR B 197 -1.77 -0.05 32.89
N ASN B 198 -1.75 1.27 32.81
CA ASN B 198 -1.38 1.95 31.56
C ASN B 198 0.06 2.47 31.44
N GLY B 199 0.82 2.43 32.53
CA GLY B 199 2.24 2.78 32.47
C GLY B 199 2.61 4.22 32.14
N ALA B 200 1.63 5.07 31.88
CA ALA B 200 1.92 6.48 31.60
C ALA B 200 0.83 7.41 32.15
N CYS B 201 1.26 8.45 32.86
CA CYS B 201 0.32 9.41 33.44
C CYS B 201 -0.28 10.35 32.40
N ALA B 202 -1.43 10.93 32.73
CA ALA B 202 -2.12 11.85 31.82
C ALA B 202 -1.26 13.05 31.45
N GLY B 203 -0.43 13.49 32.39
CA GLY B 203 0.45 14.61 32.16
C GLY B 203 1.50 14.29 31.10
N GLU B 204 2.04 13.08 31.18
CA GLU B 204 3.04 12.61 30.23
C GLU B 204 2.48 12.54 28.82
N LYS B 205 1.25 12.07 28.69
CA LYS B 205 0.59 11.97 27.39
C LYS B 205 0.33 13.34 26.77
N ILE B 206 -0.12 14.27 27.61
CA ILE B 206 -0.33 15.65 27.16
C ILE B 206 0.99 16.26 26.69
N ASP B 207 2.05 15.99 27.44
CA ASP B 207 3.40 16.45 27.07
C ASP B 207 3.80 15.89 25.71
N LYS B 208 3.42 14.64 25.44
CA LYS B 208 3.70 14.02 24.15
C LYS B 208 2.88 14.71 23.06
N LEU B 209 1.62 14.99 23.37
CA LEU B 209 0.76 15.72 22.45
C LEU B 209 1.30 17.13 22.22
N LYS B 210 1.91 17.69 23.26
CA LYS B 210 2.52 19.01 23.18
C LYS B 210 3.67 19.03 22.18
N GLN B 211 4.60 18.09 22.34
CA GLN B 211 5.73 17.95 21.42
C GLN B 211 5.26 17.80 19.98
N SER B 212 4.18 17.06 19.77
CA SER B 212 3.65 16.82 18.43
C SER B 212 3.32 18.14 17.73
N LEU B 213 2.70 19.06 18.48
CA LEU B 213 2.35 20.37 17.94
C LEU B 213 3.59 21.25 17.72
N MET B 214 4.62 21.04 18.52
CA MET B 214 5.88 21.76 18.36
C MET B 214 6.57 21.40 17.04
N TYR B 215 6.63 20.10 16.77
CA TYR B 215 7.46 19.57 15.69
C TYR B 215 6.63 19.10 14.49
N ASP B 216 5.71 18.17 14.73
CA ASP B 216 5.01 17.50 13.65
C ASP B 216 3.96 18.39 12.96
N ILE B 217 3.11 19.05 13.75
CA ILE B 217 2.11 19.93 13.16
C ILE B 217 2.37 21.40 13.47
N LYS B 218 2.89 22.12 12.48
CA LYS B 218 3.17 23.54 12.67
C LYS B 218 2.15 24.48 12.03
N ASN B 219 1.20 23.96 11.29
CA ASN B 219 0.25 24.81 10.57
C ASN B 219 -1.11 25.02 11.24
N VAL B 220 -1.30 24.47 12.44
CA VAL B 220 -2.51 24.77 13.20
C VAL B 220 -2.19 24.85 14.70
N ASP B 221 -2.79 25.81 15.38
CA ASP B 221 -2.61 25.99 16.81
C ASP B 221 -3.74 25.39 17.66
N ASN B 222 -4.79 24.90 17.00
CA ASN B 222 -5.98 24.42 17.71
C ASN B 222 -6.36 23.00 17.32
N LEU B 223 -6.44 22.11 18.31
CA LEU B 223 -6.81 20.72 18.07
C LEU B 223 -8.02 20.31 18.91
N LEU B 224 -9.01 19.70 18.26
CA LEU B 224 -10.18 19.18 18.96
C LEU B 224 -10.24 17.66 18.89
N LEU B 225 -10.27 17.01 20.05
CA LEU B 225 -10.40 15.55 20.10
C LEU B 225 -11.86 15.16 20.22
N SER B 226 -12.43 14.57 19.16
CA SER B 226 -13.80 14.07 19.22
C SER B 226 -13.91 12.55 19.39
N GLU B 227 -12.77 11.85 19.33
CA GLU B 227 -12.79 10.40 19.45
C GLU B 227 -12.69 10.02 20.92
N LEU B 228 -13.71 9.34 21.43
CA LEU B 228 -13.85 9.11 22.85
C LEU B 228 -12.72 8.27 23.42
N ASP B 229 -12.20 7.35 22.63
CA ASP B 229 -11.09 6.51 23.09
C ASP B 229 -9.79 7.30 23.15
N GLU B 230 -9.68 8.36 22.36
CA GLU B 230 -8.51 9.23 22.39
C GLU B 230 -8.51 10.10 23.65
N ILE B 231 -9.70 10.56 24.03
CA ILE B 231 -9.86 11.37 25.22
C ILE B 231 -9.68 10.51 26.48
N ALA B 232 -10.28 9.32 26.46
CA ALA B 232 -10.17 8.39 27.58
C ALA B 232 -8.72 7.97 27.79
N TYR B 233 -8.03 7.67 26.69
CA TYR B 233 -6.61 7.28 26.74
C TYR B 233 -5.72 8.37 27.30
N LEU B 234 -5.93 9.60 26.84
CA LEU B 234 -5.08 10.72 27.19
C LEU B 234 -5.22 11.12 28.66
N LEU B 235 -6.44 11.04 29.18
CA LEU B 235 -6.72 11.50 30.54
C LEU B 235 -6.69 10.37 31.56
N ASN B 236 -6.48 9.15 31.08
CA ASN B 236 -6.49 7.97 31.93
C ASN B 236 -7.79 7.88 32.74
N LEU B 237 -8.90 8.12 32.05
CA LEU B 237 -10.22 8.05 32.66
C LEU B 237 -11.13 7.09 31.88
N ARG B 238 -12.04 6.43 32.57
CA ARG B 238 -13.02 5.57 31.91
C ARG B 238 -14.43 5.88 32.40
N GLY B 239 -15.44 5.43 31.65
CA GLY B 239 -16.82 5.71 32.00
C GLY B 239 -17.83 4.70 31.51
N TYR B 240 -19.08 4.91 31.90
CA TYR B 240 -20.16 3.98 31.61
C TYR B 240 -21.13 4.35 30.49
N ASP B 241 -20.83 5.42 29.75
CA ASP B 241 -21.75 5.91 28.72
C ASP B 241 -21.97 4.95 27.56
N TYR B 242 -21.16 3.90 27.47
CA TYR B 242 -21.33 2.89 26.42
C TYR B 242 -21.35 1.48 27.01
N GLN B 243 -22.10 0.59 26.36
CA GLN B 243 -22.25 -0.78 26.87
C GLN B 243 -20.98 -1.61 26.74
N TYR B 244 -20.40 -1.65 25.55
CA TYR B 244 -19.28 -2.56 25.29
C TYR B 244 -17.90 -1.91 25.35
N SER B 245 -17.87 -0.60 25.56
CA SER B 245 -16.60 0.10 25.77
C SER B 245 -16.70 1.03 26.97
N PRO B 246 -15.65 1.07 27.80
CA PRO B 246 -15.67 1.90 29.00
C PRO B 246 -15.36 3.36 28.69
N LEU B 247 -16.13 3.95 27.79
CA LEU B 247 -15.92 5.32 27.38
C LEU B 247 -16.98 6.27 27.96
N PHE B 248 -16.83 7.56 27.68
CA PHE B 248 -17.76 8.57 28.16
C PHE B 248 -17.89 9.70 27.14
N TYR B 249 -19.10 10.23 26.99
CA TYR B 249 -19.33 11.36 26.09
C TYR B 249 -18.46 12.54 26.51
N SER B 250 -17.60 13.00 25.60
CA SER B 250 -16.71 14.11 25.90
C SER B 250 -16.12 14.78 24.67
N TYR B 251 -15.69 16.02 24.84
CA TYR B 251 -14.82 16.68 23.88
C TYR B 251 -13.60 17.21 24.61
N LEU B 252 -12.45 17.24 23.93
CA LEU B 252 -11.25 17.80 24.53
C LEU B 252 -10.56 18.73 23.54
N LEU B 253 -10.48 20.00 23.89
CA LEU B 253 -9.94 21.01 23.00
C LEU B 253 -8.59 21.53 23.49
N PHE B 254 -7.61 21.54 22.60
CA PHE B 254 -6.28 22.05 22.92
C PHE B 254 -6.01 23.33 22.14
N GLN B 255 -5.55 24.35 22.85
CA GLN B 255 -5.15 25.60 22.23
C GLN B 255 -3.66 25.85 22.43
N PHE B 256 -2.91 25.85 21.34
CA PHE B 256 -1.46 25.96 21.41
C PHE B 256 -0.99 27.39 21.15
N ASP B 257 -0.11 27.87 22.03
CA ASP B 257 0.51 29.18 21.87
C ASP B 257 2.01 29.11 21.60
N ARG B 258 2.44 29.68 20.47
CA ARG B 258 3.87 29.75 20.15
C ARG B 258 4.69 30.30 21.31
N GLN B 261 5.78 28.64 24.13
CA GLN B 261 5.59 27.46 23.29
C GLN B 261 4.90 26.34 24.08
N ASP B 262 3.59 26.48 24.27
CA ASP B 262 2.84 25.60 25.15
C ASP B 262 1.34 25.73 24.91
N PHE B 263 0.56 24.92 25.63
CA PHE B 263 -0.90 25.03 25.56
C PHE B 263 -1.35 26.23 26.38
N SER B 264 -2.06 27.16 25.75
CA SER B 264 -2.58 28.32 26.45
C SER B 264 -3.76 27.89 27.32
N LYS B 265 -4.66 27.11 26.73
CA LYS B 265 -5.82 26.61 27.44
C LYS B 265 -6.19 25.19 27.00
N ILE B 266 -6.56 24.36 27.97
CA ILE B 266 -7.09 23.03 27.70
C ILE B 266 -8.47 22.88 28.33
N VAL B 267 -9.49 22.74 27.51
CA VAL B 267 -10.86 22.69 28.01
C VAL B 267 -11.49 21.31 27.78
N PHE B 268 -12.03 20.75 28.86
CA PHE B 268 -12.62 19.42 28.86
C PHE B 268 -14.14 19.51 28.93
N PHE B 269 -14.81 19.14 27.85
CA PHE B 269 -16.26 19.11 27.83
C PHE B 269 -16.76 17.71 28.19
N THR B 270 -17.65 17.62 29.18
CA THR B 270 -18.17 16.34 29.63
C THR B 270 -19.38 16.52 30.54
N THR B 271 -19.88 15.41 31.09
CA THR B 271 -20.99 15.47 32.02
C THR B 271 -20.46 15.52 33.46
N VAL B 272 -20.63 16.68 34.10
CA VAL B 272 -20.00 16.93 35.40
C VAL B 272 -20.62 16.13 36.53
N LYS B 273 -21.91 15.80 36.43
CA LYS B 273 -22.57 15.02 37.46
C LYS B 273 -22.00 13.60 37.52
N ASN B 274 -21.34 13.20 36.44
CA ASN B 274 -20.64 11.91 36.41
C ASN B 274 -19.17 12.07 36.76
N LEU B 275 -18.76 13.30 37.06
CA LEU B 275 -17.39 13.59 37.46
C LEU B 275 -17.27 13.58 38.97
N PRO B 276 -16.48 12.64 39.52
CA PRO B 276 -16.35 12.54 40.97
C PRO B 276 -15.33 13.54 41.52
N ALA B 277 -15.17 13.56 42.84
CA ALA B 277 -14.33 14.52 43.52
C ALA B 277 -12.86 14.49 43.07
N ASP B 278 -12.26 13.30 43.11
CA ASP B 278 -10.81 13.19 42.91
C ASP B 278 -10.41 12.92 41.46
N VAL B 279 -11.38 12.82 40.57
CA VAL B 279 -11.08 12.85 39.14
C VAL B 279 -10.89 14.30 38.70
N LYS B 280 -11.67 15.19 39.29
CA LYS B 280 -11.54 16.62 39.02
C LYS B 280 -10.23 17.15 39.61
N ASN B 281 -9.63 16.33 40.48
CA ASN B 281 -8.31 16.61 41.02
C ASN B 281 -7.23 16.36 39.97
N LEU B 282 -7.31 15.20 39.32
CA LEU B 282 -6.39 14.86 38.24
C LEU B 282 -6.54 15.84 37.07
N LEU B 283 -7.75 16.36 36.90
CA LEU B 283 -8.04 17.31 35.84
C LEU B 283 -7.37 18.65 36.11
N GLU B 284 -7.58 19.19 37.30
CA GLU B 284 -7.03 20.48 37.68
C GLU B 284 -5.52 20.40 37.91
N ILE B 285 -5.02 19.19 38.11
CA ILE B 285 -3.58 18.96 38.25
C ILE B 285 -2.87 19.19 36.92
N ASN B 286 -3.58 18.90 35.83
CA ASN B 286 -3.05 19.08 34.48
C ASN B 286 -3.42 20.46 33.93
N LYS B 287 -4.01 21.28 34.80
CA LYS B 287 -4.48 22.62 34.45
C LYS B 287 -5.51 22.57 33.33
N VAL B 288 -6.52 21.72 33.52
CA VAL B 288 -7.62 21.59 32.58
C VAL B 288 -8.87 22.27 33.10
N ILE B 289 -9.46 23.15 32.31
CA ILE B 289 -10.70 23.80 32.71
C ILE B 289 -11.90 22.96 32.28
N VAL B 290 -12.74 22.61 33.25
CA VAL B 290 -13.87 21.73 32.98
C VAL B 290 -15.14 22.51 32.68
N LYS B 291 -15.69 22.30 31.49
CA LYS B 291 -16.98 22.86 31.14
C LYS B 291 -17.94 21.70 30.89
N GLU B 292 -19.20 22.00 30.63
CA GLU B 292 -20.15 20.92 30.44
C GLU B 292 -20.21 20.49 28.97
N TYR B 293 -20.90 19.39 28.74
CA TYR B 293 -20.89 18.72 27.43
C TYR B 293 -21.57 19.54 26.34
N GLU B 294 -22.71 20.15 26.69
CA GLU B 294 -23.51 20.89 25.72
C GLU B 294 -22.89 22.24 25.38
N GLU B 295 -21.84 22.62 26.10
CA GLU B 295 -21.16 23.89 25.86
C GLU B 295 -20.21 23.83 24.68
N ILE B 296 -20.02 22.65 24.10
CA ILE B 296 -19.03 22.47 23.03
C ILE B 296 -19.27 23.41 21.86
N VAL B 297 -20.48 23.40 21.31
CA VAL B 297 -20.82 24.27 20.19
C VAL B 297 -20.82 25.77 20.58
N PRO B 298 -21.50 26.15 21.69
CA PRO B 298 -21.45 27.57 22.05
C PRO B 298 -20.04 28.08 22.37
N TYR B 299 -19.23 27.28 23.03
CA TYR B 299 -17.86 27.69 23.35
C TYR B 299 -17.05 27.87 22.08
N LEU B 300 -17.28 27.02 21.09
CA LEU B 300 -16.56 27.12 19.84
C LEU B 300 -16.97 28.38 19.06
N ARG B 301 -18.28 28.58 18.89
CA ARG B 301 -18.74 29.70 18.09
C ARG B 301 -18.45 31.04 18.74
N ASP B 302 -18.69 31.12 20.04
CA ASP B 302 -18.59 32.39 20.77
C ASP B 302 -17.20 32.74 21.28
N VAL B 303 -16.51 31.77 21.89
CA VAL B 303 -15.23 32.04 22.55
C VAL B 303 -13.98 31.93 21.66
N VAL B 304 -13.77 30.77 21.04
CA VAL B 304 -12.49 30.50 20.37
C VAL B 304 -12.39 31.10 18.97
N ILE B 305 -13.31 30.72 18.07
CA ILE B 305 -13.29 31.16 16.68
C ILE B 305 -13.09 32.68 16.51
N PRO B 306 -13.68 33.51 17.39
CA PRO B 306 -13.29 34.92 17.29
C PRO B 306 -11.85 35.20 17.73
N SER B 307 -10.89 34.52 17.12
CA SER B 307 -9.48 34.70 17.46
C SER B 307 -8.62 34.45 16.21
N ILE B 308 -7.31 34.62 16.36
CA ILE B 308 -6.37 34.50 15.25
C ILE B 308 -6.76 35.43 14.09
N ASP B 317 0.12 30.71 0.06
CA ASP B 317 1.13 29.75 -0.35
C ASP B 317 1.55 28.86 0.83
N PHE B 318 2.05 29.49 1.90
CA PHE B 318 2.29 28.75 3.14
C PHE B 318 1.10 29.04 4.05
N LYS B 319 0.28 28.01 4.23
CA LYS B 319 -1.03 28.15 4.85
C LYS B 319 -1.07 27.90 6.37
N LYS B 320 -1.92 28.65 7.06
CA LYS B 320 -2.16 28.45 8.48
C LYS B 320 -3.64 28.13 8.70
N TYR B 321 -3.89 27.02 9.39
CA TYR B 321 -5.25 26.54 9.61
C TYR B 321 -5.78 26.98 10.97
N ASP B 322 -7.08 27.25 11.05
CA ASP B 322 -7.70 27.63 12.31
C ASP B 322 -7.89 26.47 13.28
N ILE B 323 -8.27 25.30 12.76
CA ILE B 323 -8.60 24.16 13.60
C ILE B 323 -8.25 22.83 12.94
N SER B 324 -7.80 21.88 13.75
CA SER B 324 -7.55 20.52 13.29
C SER B 324 -8.62 19.57 13.84
N LEU B 325 -9.36 18.93 12.95
CA LEU B 325 -10.43 18.03 13.34
C LEU B 325 -10.19 16.62 12.82
N SER B 326 -10.63 15.62 13.59
CA SER B 326 -10.56 14.24 13.16
C SER B 326 -11.42 14.06 11.91
N PRO B 327 -11.01 13.15 11.01
CA PRO B 327 -11.68 13.00 9.71
C PRO B 327 -13.18 12.74 9.80
N TYR B 328 -13.61 12.04 10.84
CA TYR B 328 -15.01 11.66 10.97
C TYR B 328 -15.85 12.55 11.88
N ILE B 329 -15.30 13.69 12.28
CA ILE B 329 -16.00 14.66 13.13
C ILE B 329 -17.37 15.03 12.57
N ASN B 330 -18.34 15.23 13.46
CA ASN B 330 -19.70 15.55 13.05
C ASN B 330 -19.80 16.90 12.35
N LEU B 331 -20.86 17.05 11.55
CA LEU B 331 -21.09 18.24 10.74
C LEU B 331 -21.30 19.50 11.55
N MET B 332 -22.02 19.36 12.66
CA MET B 332 -22.40 20.52 13.47
C MET B 332 -21.19 21.32 13.94
N ILE B 333 -20.13 20.62 14.31
CA ILE B 333 -18.91 21.28 14.74
C ILE B 333 -18.13 21.76 13.51
N TYR B 334 -18.15 20.95 12.46
CA TYR B 334 -17.50 21.28 11.19
C TYR B 334 -18.01 22.59 10.59
N LYS B 335 -19.33 22.78 10.60
CA LYS B 335 -19.93 23.92 9.93
C LYS B 335 -19.79 25.21 10.74
N LEU B 336 -19.23 25.12 11.94
CA LEU B 336 -18.90 26.31 12.71
C LEU B 336 -17.73 27.01 12.04
N PHE B 337 -16.96 26.26 11.27
CA PHE B 337 -15.78 26.77 10.59
C PHE B 337 -15.99 26.77 9.06
N ASP B 338 -15.24 27.64 8.38
CA ASP B 338 -15.19 27.60 6.92
C ASP B 338 -14.27 26.46 6.47
N ARG B 339 -14.67 25.77 5.40
CA ARG B 339 -13.93 24.61 4.90
C ARG B 339 -12.45 24.88 4.71
N LYS B 340 -12.15 26.07 4.19
CA LYS B 340 -10.77 26.44 3.88
C LYS B 340 -9.89 26.44 5.12
N ASN B 341 -10.50 26.74 6.26
CA ASN B 341 -9.76 26.86 7.51
C ASN B 341 -9.77 25.57 8.34
N VAL B 342 -10.39 24.52 7.80
CA VAL B 342 -10.49 23.26 8.54
C VAL B 342 -9.51 22.22 8.04
N LEU B 343 -8.54 21.87 8.89
CA LEU B 343 -7.59 20.82 8.56
C LEU B 343 -8.10 19.47 9.06
N LEU B 344 -8.44 18.59 8.14
CA LEU B 344 -8.98 17.27 8.48
C LEU B 344 -7.87 16.23 8.50
N GLN B 345 -7.54 15.74 9.68
CA GLN B 345 -6.49 14.75 9.83
C GLN B 345 -6.62 13.98 11.14
N ASN B 346 -5.99 12.80 11.18
CA ASN B 346 -5.88 12.04 12.40
C ASN B 346 -5.17 12.84 13.48
N SER B 347 -5.77 12.94 14.66
CA SER B 347 -5.09 13.50 15.82
C SER B 347 -3.82 12.70 16.09
N PRO B 348 -2.81 13.35 16.68
CA PRO B 348 -1.56 12.67 17.04
C PRO B 348 -1.77 11.50 18.01
N VAL B 349 -2.91 11.49 18.70
CA VAL B 349 -3.21 10.47 19.70
C VAL B 349 -3.40 9.09 19.07
N VAL B 350 -3.83 9.05 17.82
CA VAL B 350 -4.01 7.80 17.10
C VAL B 350 -2.72 7.00 17.06
N LYS B 351 -1.64 7.67 16.67
CA LYS B 351 -0.32 7.04 16.63
C LYS B 351 0.17 6.72 18.03
N MET B 352 -0.13 7.60 18.99
CA MET B 352 0.30 7.42 20.37
C MET B 352 -0.18 6.11 21.00
N LYS B 353 -1.47 5.82 20.88
CA LYS B 353 -2.05 4.67 21.59
C LYS B 353 -2.02 3.38 20.77
N ALA B 354 -1.68 3.51 19.48
CA ALA B 354 -1.57 2.33 18.63
C ALA B 354 -0.30 1.57 18.99
N VAL B 355 0.66 2.27 19.57
CA VAL B 355 1.89 1.67 20.05
C VAL B 355 1.87 1.59 21.57
N LYS B 356 1.74 0.38 22.12
CA LYS B 356 1.67 0.19 23.56
C LYS B 356 3.06 0.25 24.19
N ASN B 357 3.16 0.83 25.38
CA ASN B 357 4.40 0.73 26.14
C ASN B 357 4.49 -0.64 26.78
N ASP B 358 5.59 -0.93 27.47
CA ASP B 358 5.82 -2.28 27.97
C ASP B 358 4.88 -2.67 29.11
N VAL B 359 4.54 -1.71 29.95
CA VAL B 359 3.57 -1.96 31.03
C VAL B 359 2.21 -2.33 30.45
N GLU B 360 1.82 -1.66 29.36
CA GLU B 360 0.56 -1.92 28.70
C GLU B 360 0.51 -3.34 28.13
N ILE B 361 1.64 -3.80 27.60
CA ILE B 361 1.72 -5.15 27.05
C ILE B 361 1.64 -6.19 28.16
N ASP B 362 2.40 -5.97 29.23
CA ASP B 362 2.42 -6.89 30.36
C ASP B 362 1.03 -7.04 30.96
N ASN B 363 0.30 -5.94 31.06
CA ASN B 363 -1.06 -5.97 31.56
C ASN B 363 -1.99 -6.74 30.64
N MET B 364 -1.76 -6.63 29.34
CA MET B 364 -2.62 -7.28 28.37
C MET B 364 -2.35 -8.79 28.33
N LYS B 365 -1.15 -9.19 28.73
CA LYS B 365 -0.84 -10.60 28.90
C LYS B 365 -1.63 -11.15 30.09
N GLN B 366 -1.72 -10.36 31.16
CA GLN B 366 -2.46 -10.76 32.34
C GLN B 366 -3.95 -10.89 32.02
N ALA B 367 -4.45 -9.96 31.21
CA ALA B 367 -5.84 -9.97 30.80
C ALA B 367 -6.19 -11.24 30.02
N HIS B 368 -5.26 -11.69 29.18
CA HIS B 368 -5.49 -12.88 28.37
C HIS B 368 -5.30 -14.16 29.18
N ILE B 369 -4.47 -14.09 30.21
CA ILE B 369 -4.33 -15.20 31.14
C ILE B 369 -5.67 -15.45 31.84
N LEU B 370 -6.28 -14.38 32.33
CA LEU B 370 -7.61 -14.46 32.93
C LEU B 370 -8.65 -14.99 31.95
N ASP B 371 -8.55 -14.58 30.69
CA ASP B 371 -9.56 -14.88 29.68
C ASP B 371 -9.35 -16.29 29.13
N GLY B 372 -8.12 -16.78 29.24
CA GLY B 372 -7.81 -18.17 28.95
C GLY B 372 -8.45 -19.08 29.98
N LEU B 373 -8.38 -18.68 31.24
CA LEU B 373 -9.01 -19.42 32.32
C LEU B 373 -10.54 -19.45 32.14
N ALA B 374 -11.10 -18.31 31.72
CA ALA B 374 -12.53 -18.20 31.50
C ALA B 374 -12.99 -19.14 30.39
N LEU B 375 -12.27 -19.16 29.28
CA LEU B 375 -12.57 -20.06 28.17
C LEU B 375 -12.41 -21.51 28.58
N LEU B 376 -11.38 -21.78 29.39
CA LEU B 376 -11.14 -23.13 29.89
C LEU B 376 -12.33 -23.65 30.67
N GLN B 377 -12.87 -22.80 31.54
CA GLN B 377 -14.04 -23.16 32.33
C GLN B 377 -15.25 -23.39 31.43
N PHE B 378 -15.38 -22.56 30.41
CA PHE B 378 -16.53 -22.63 29.50
C PHE B 378 -16.56 -23.90 28.67
N PHE B 379 -15.45 -24.21 28.00
CA PHE B 379 -15.38 -25.38 27.14
C PHE B 379 -15.34 -26.67 27.93
N HIS B 380 -14.77 -26.61 29.13
CA HIS B 380 -14.85 -27.75 30.04
C HIS B 380 -16.30 -28.02 30.37
N TRP B 381 -17.04 -26.95 30.65
CA TRP B 381 -18.46 -27.00 30.93
C TRP B 381 -19.22 -27.58 29.74
N CYS B 382 -18.88 -27.13 28.54
CA CYS B 382 -19.49 -27.65 27.32
C CYS B 382 -19.22 -29.14 27.14
N GLU B 383 -18.00 -29.55 27.45
CA GLU B 383 -17.58 -30.93 27.28
C GLU B 383 -18.31 -31.86 28.23
N GLN B 384 -18.51 -31.41 29.46
CA GLN B 384 -19.23 -32.20 30.46
C GLN B 384 -20.66 -32.47 30.00
N LYS B 385 -21.36 -31.42 29.58
CA LYS B 385 -22.72 -31.55 29.08
C LYS B 385 -22.78 -32.31 27.74
N ARG B 386 -21.66 -32.33 27.03
CA ARG B 386 -21.57 -33.10 25.78
C ARG B 386 -21.61 -34.60 26.04
N LYS B 387 -20.86 -35.04 27.04
CA LYS B 387 -20.79 -36.45 27.38
C LYS B 387 -22.16 -36.95 27.85
N THR B 388 -22.83 -36.15 28.67
CA THR B 388 -24.15 -36.49 29.17
C THR B 388 -25.31 -36.22 28.21
N LYS B 389 -25.02 -35.53 27.10
CA LYS B 389 -26.03 -35.12 26.10
C LYS B 389 -26.86 -33.94 26.57
N GLU B 390 -26.59 -33.46 27.78
CA GLU B 390 -27.31 -32.31 28.31
C GLU B 390 -27.00 -31.03 27.53
N LEU B 391 -25.92 -31.05 26.76
CA LEU B 391 -25.51 -29.90 25.96
C LEU B 391 -26.52 -29.56 24.87
N PHE B 392 -27.21 -30.58 24.38
CA PHE B 392 -28.10 -30.40 23.25
C PHE B 392 -29.49 -30.00 23.69
N ASN B 393 -29.66 -29.79 24.98
CA ASN B 393 -30.84 -29.10 25.48
C ASN B 393 -30.54 -27.62 25.70
N GLU B 394 -29.27 -27.26 25.61
CA GLU B 394 -28.82 -25.88 25.72
C GLU B 394 -29.03 -25.11 24.43
N THR B 395 -29.06 -23.79 24.51
CA THR B 395 -29.21 -22.95 23.33
C THR B 395 -27.96 -22.11 23.08
N GLU B 396 -27.98 -21.34 21.99
CA GLU B 396 -26.87 -20.45 21.66
C GLU B 396 -26.74 -19.32 22.68
N MET B 397 -27.89 -18.76 23.07
CA MET B 397 -27.91 -17.68 24.06
C MET B 397 -27.48 -18.15 25.45
N SER B 398 -27.87 -19.37 25.82
CA SER B 398 -27.49 -19.92 27.12
C SER B 398 -25.98 -20.10 27.19
N LEU B 399 -25.39 -20.54 26.08
CA LEU B 399 -23.93 -20.70 26.01
C LEU B 399 -23.26 -19.34 25.95
N ARG B 400 -23.92 -18.39 25.30
CA ARG B 400 -23.46 -17.01 25.27
C ARG B 400 -23.38 -16.45 26.69
N HIS B 401 -24.41 -16.71 27.48
CA HIS B 401 -24.48 -16.23 28.85
C HIS B 401 -23.42 -16.89 29.74
N LYS B 402 -23.12 -18.15 29.46
CA LYS B 402 -22.20 -18.92 30.28
C LYS B 402 -20.76 -18.42 30.20
N VAL B 403 -20.30 -18.14 28.98
CA VAL B 403 -18.93 -17.65 28.79
C VAL B 403 -18.77 -16.24 29.35
N ASP B 404 -19.82 -15.43 29.26
CA ASP B 404 -19.78 -14.08 29.83
C ASP B 404 -19.71 -14.15 31.35
N TYR B 405 -20.37 -15.16 31.92
CA TYR B 405 -20.33 -15.38 33.37
C TYR B 405 -18.93 -15.69 33.86
N PHE B 406 -18.28 -16.66 33.20
CA PHE B 406 -16.95 -17.11 33.60
C PHE B 406 -15.93 -15.97 33.53
N ARG B 407 -16.17 -15.02 32.64
CA ARG B 407 -15.35 -13.81 32.59
C ARG B 407 -15.61 -12.91 33.79
N SER B 408 -16.87 -12.82 34.20
CA SER B 408 -17.28 -11.97 35.32
C SER B 408 -16.70 -12.43 36.65
N THR B 409 -16.31 -13.71 36.70
CA THR B 409 -15.66 -14.28 37.86
C THR B 409 -14.21 -13.80 38.00
N LYS B 410 -13.61 -13.39 36.89
CA LYS B 410 -12.20 -13.05 36.87
C LYS B 410 -11.90 -11.71 37.51
N LYS B 411 -10.71 -11.58 38.08
CA LYS B 411 -10.26 -10.36 38.73
C LYS B 411 -10.18 -9.20 37.74
N ASN B 412 -10.62 -8.03 38.20
CA ASN B 412 -10.52 -6.77 37.46
C ASN B 412 -11.33 -6.75 36.15
N PHE B 413 -12.32 -7.61 36.07
CA PHE B 413 -13.24 -7.62 34.92
C PHE B 413 -14.25 -6.49 35.05
N ILE B 414 -14.59 -5.85 33.92
CA ILE B 414 -15.54 -4.76 33.92
C ILE B 414 -16.86 -5.16 33.24
N PHE B 415 -16.79 -5.43 31.94
CA PHE B 415 -17.90 -6.04 31.20
C PHE B 415 -17.37 -6.58 29.87
N PRO B 416 -18.22 -7.29 29.10
CA PRO B 416 -17.76 -7.76 27.78
C PRO B 416 -17.32 -6.64 26.83
N SER B 417 -16.34 -6.92 25.99
CA SER B 417 -15.77 -5.90 25.11
C SER B 417 -16.59 -5.73 23.85
N PHE B 418 -17.49 -6.68 23.60
CA PHE B 418 -18.47 -6.58 22.53
C PHE B 418 -19.53 -7.65 22.72
N SER B 419 -20.56 -7.65 21.88
CA SER B 419 -21.61 -8.65 22.00
C SER B 419 -21.08 -10.01 21.59
N THR B 420 -21.16 -10.96 22.50
CA THR B 420 -20.62 -12.30 22.28
C THR B 420 -21.35 -13.01 21.15
N ILE B 421 -20.60 -13.53 20.20
CA ILE B 421 -21.17 -14.29 19.10
C ILE B 421 -21.13 -15.78 19.37
N SER B 422 -22.31 -16.36 19.57
CA SER B 422 -22.46 -17.78 19.83
C SER B 422 -23.30 -18.39 18.73
N ALA B 423 -22.67 -19.20 17.87
CA ALA B 423 -23.33 -19.66 16.67
C ALA B 423 -23.17 -21.17 16.45
N SER B 424 -24.30 -21.85 16.30
CA SER B 424 -24.31 -23.29 16.07
C SER B 424 -24.70 -23.65 14.64
N GLY B 425 -23.99 -24.63 14.08
CA GLY B 425 -24.31 -25.15 12.76
C GLY B 425 -24.29 -24.10 11.67
N PRO B 426 -25.38 -24.01 10.90
CA PRO B 426 -25.52 -23.07 9.78
C PRO B 426 -25.35 -21.61 10.20
N ASN B 427 -25.68 -21.30 11.45
CA ASN B 427 -25.56 -19.94 11.95
C ASN B 427 -24.10 -19.49 12.01
N ALA B 428 -23.18 -20.44 12.13
CA ALA B 428 -21.75 -20.14 12.15
C ALA B 428 -21.27 -19.63 10.79
N ALA B 429 -22.10 -19.81 9.77
CA ALA B 429 -21.77 -19.34 8.42
C ALA B 429 -22.10 -17.86 8.27
N VAL B 430 -22.74 -17.29 9.28
CA VAL B 430 -23.04 -15.87 9.30
C VAL B 430 -22.01 -15.11 10.12
N ILE B 431 -21.22 -14.29 9.43
CA ILE B 431 -20.13 -13.52 10.04
C ILE B 431 -20.63 -12.57 11.12
N HIS B 432 -21.70 -11.84 10.80
CA HIS B 432 -22.24 -10.80 11.66
C HIS B 432 -23.34 -11.32 12.58
N TYR B 433 -23.47 -12.66 12.66
CA TYR B 433 -24.61 -13.29 13.32
C TYR B 433 -24.88 -12.76 14.72
N GLU B 434 -26.10 -12.27 14.90
CA GLU B 434 -26.54 -11.70 16.16
C GLU B 434 -27.67 -12.57 16.69
N CYS B 435 -27.42 -13.24 17.81
CA CYS B 435 -28.42 -14.16 18.31
C CYS B 435 -29.60 -13.38 18.88
N THR B 436 -30.76 -13.57 18.28
CA THR B 436 -31.97 -12.88 18.69
C THR B 436 -32.85 -13.77 19.54
N ASP B 437 -34.00 -13.25 19.95
CA ASP B 437 -34.95 -14.05 20.69
C ASP B 437 -35.67 -15.03 19.78
N LYS B 438 -35.83 -14.64 18.51
CA LYS B 438 -36.46 -15.52 17.53
C LYS B 438 -35.46 -16.34 16.71
N THR B 439 -34.19 -15.97 16.77
CA THR B 439 -33.15 -16.68 16.01
C THR B 439 -32.44 -17.74 16.85
N ASN B 440 -32.67 -17.72 18.16
CA ASN B 440 -31.96 -18.59 19.09
C ASN B 440 -32.15 -20.06 18.73
N ALA B 441 -31.02 -20.76 18.55
CA ALA B 441 -31.05 -22.15 18.10
C ALA B 441 -30.60 -23.11 19.19
N THR B 442 -31.19 -24.30 19.19
CA THR B 442 -30.73 -25.38 20.06
C THR B 442 -29.33 -25.81 19.65
N ILE B 443 -28.44 -25.98 20.61
CA ILE B 443 -27.09 -26.48 20.33
C ILE B 443 -27.16 -27.90 19.76
N LYS B 444 -26.48 -28.12 18.66
CA LYS B 444 -26.52 -29.41 17.96
C LYS B 444 -25.15 -30.06 17.92
N PRO B 445 -25.10 -31.38 17.72
CA PRO B 445 -23.80 -32.04 17.53
C PRO B 445 -23.15 -31.64 16.21
N ALA B 446 -22.77 -30.37 16.11
CA ALA B 446 -22.20 -29.81 14.89
C ALA B 446 -21.16 -28.75 15.21
N ILE B 447 -20.71 -28.04 14.18
CA ILE B 447 -19.82 -26.90 14.35
C ILE B 447 -20.38 -25.88 15.34
N TYR B 448 -19.53 -25.39 16.23
CA TYR B 448 -19.91 -24.31 17.13
C TYR B 448 -18.84 -23.21 17.14
N LEU B 449 -19.25 -21.99 16.86
CA LEU B 449 -18.33 -20.86 16.82
C LEU B 449 -18.60 -19.90 17.99
N LEU B 450 -17.54 -19.51 18.69
CA LEU B 450 -17.67 -18.55 19.77
C LEU B 450 -16.67 -17.40 19.59
N ASP B 451 -17.20 -16.20 19.33
CA ASP B 451 -16.39 -15.00 19.26
C ASP B 451 -16.77 -14.13 20.45
N SER B 452 -15.81 -13.92 21.35
CA SER B 452 -16.12 -13.19 22.58
C SER B 452 -14.87 -12.53 23.16
N GLY B 453 -15.09 -11.59 24.05
CA GLY B 453 -14.01 -10.89 24.73
C GLY B 453 -14.56 -10.09 25.89
N GLY B 454 -13.67 -9.46 26.64
CA GLY B 454 -14.10 -8.66 27.77
C GLY B 454 -13.23 -7.45 28.02
N GLN B 455 -13.76 -6.52 28.82
CA GLN B 455 -12.99 -5.37 29.26
C GLN B 455 -12.42 -5.62 30.64
N TYR B 456 -11.11 -5.49 30.77
CA TYR B 456 -10.45 -5.59 32.05
C TYR B 456 -9.72 -4.28 32.31
N LEU B 457 -9.38 -4.02 33.57
CA LEU B 457 -8.49 -2.93 33.89
C LEU B 457 -7.14 -3.17 33.21
N HIS B 458 -6.86 -4.45 32.95
CA HIS B 458 -5.63 -4.89 32.31
C HIS B 458 -5.63 -4.70 30.80
N GLY B 459 -6.81 -4.62 30.20
CA GLY B 459 -6.89 -4.47 28.76
C GLY B 459 -8.17 -5.00 28.12
N THR B 460 -8.21 -4.98 26.79
CA THR B 460 -9.36 -5.45 26.03
C THR B 460 -9.03 -6.74 25.28
N THR B 461 -9.86 -7.78 25.46
CA THR B 461 -9.61 -9.06 24.82
C THR B 461 -10.62 -9.33 23.71
N ASP B 462 -10.16 -10.00 22.67
CA ASP B 462 -11.01 -10.44 21.58
C ASP B 462 -10.50 -11.82 21.15
N VAL B 463 -11.34 -12.85 21.21
CA VAL B 463 -10.90 -14.20 20.85
C VAL B 463 -12.01 -15.02 20.21
N THR B 464 -11.67 -15.79 19.17
CA THR B 464 -12.61 -16.72 18.57
C THR B 464 -12.04 -18.13 18.55
N ARG B 465 -12.86 -19.09 18.95
CA ARG B 465 -12.54 -20.50 18.80
C ARG B 465 -13.72 -21.19 18.15
N THR B 466 -13.42 -22.14 17.26
CA THR B 466 -14.45 -22.97 16.67
C THR B 466 -14.22 -24.41 17.08
N THR B 467 -15.29 -25.08 17.48
CA THR B 467 -15.19 -26.47 17.92
C THR B 467 -16.30 -27.29 17.30
N HIS B 468 -16.39 -28.56 17.68
CA HIS B 468 -17.42 -29.45 17.16
C HIS B 468 -17.95 -30.33 18.29
N PHE B 469 -19.28 -30.36 18.46
CA PHE B 469 -19.88 -31.14 19.54
C PHE B 469 -20.36 -32.51 19.04
N GLY B 470 -20.25 -32.71 17.73
CA GLY B 470 -20.58 -33.97 17.09
C GLY B 470 -19.35 -34.68 16.56
N GLU B 471 -19.54 -35.47 15.51
CA GLU B 471 -18.43 -36.06 14.76
C GLU B 471 -18.17 -35.26 13.49
N PRO B 472 -17.03 -34.55 13.44
CA PRO B 472 -16.68 -33.65 12.33
C PRO B 472 -16.59 -34.37 10.99
N THR B 473 -17.22 -33.79 9.96
CA THR B 473 -17.10 -34.28 8.61
C THR B 473 -15.74 -33.91 8.03
N ALA B 474 -15.32 -34.60 6.98
CA ALA B 474 -14.04 -34.31 6.32
C ALA B 474 -14.01 -32.87 5.81
N GLU B 475 -15.14 -32.40 5.28
CA GLU B 475 -15.23 -31.04 4.79
C GLU B 475 -15.02 -30.01 5.90
N GLU B 476 -15.66 -30.25 7.05
CA GLU B 476 -15.53 -29.35 8.18
C GLU B 476 -14.08 -29.30 8.65
N LYS B 477 -13.46 -30.48 8.71
CA LYS B 477 -12.07 -30.61 9.12
C LYS B 477 -11.13 -29.91 8.13
N ARG B 478 -11.42 -30.05 6.84
CA ARG B 478 -10.62 -29.42 5.81
C ARG B 478 -10.65 -27.90 5.91
N ILE B 479 -11.87 -27.35 5.97
CA ILE B 479 -12.07 -25.90 6.09
C ILE B 479 -11.41 -25.34 7.35
N TYR B 480 -11.60 -26.02 8.47
CA TYR B 480 -10.99 -25.58 9.73
C TYR B 480 -9.47 -25.51 9.58
N THR B 481 -8.89 -26.52 8.97
CA THR B 481 -7.44 -26.63 8.86
C THR B 481 -6.87 -25.63 7.85
N LEU B 482 -7.61 -25.36 6.77
CA LEU B 482 -7.20 -24.34 5.83
C LEU B 482 -7.18 -22.96 6.50
N VAL B 483 -8.16 -22.71 7.37
CA VAL B 483 -8.19 -21.46 8.13
C VAL B 483 -7.04 -21.42 9.14
N LEU B 484 -6.84 -22.54 9.83
CA LEU B 484 -5.78 -22.64 10.83
C LEU B 484 -4.39 -22.41 10.24
N LYS B 485 -4.16 -22.91 9.02
CA LYS B 485 -2.87 -22.77 8.38
C LYS B 485 -2.53 -21.30 8.17
N GLY B 486 -3.52 -20.52 7.72
CA GLY B 486 -3.35 -19.08 7.60
C GLY B 486 -3.13 -18.42 8.94
N HIS B 487 -3.90 -18.85 9.93
CA HIS B 487 -3.79 -18.32 11.28
C HIS B 487 -2.41 -18.59 11.88
N LEU B 488 -1.94 -19.84 11.77
CA LEU B 488 -0.65 -20.22 12.32
C LEU B 488 0.50 -19.49 11.64
N ARG B 489 0.37 -19.29 10.34
CA ARG B 489 1.37 -18.56 9.57
C ARG B 489 1.53 -17.15 10.12
N LEU B 490 0.40 -16.48 10.37
CA LEU B 490 0.40 -15.11 10.83
C LEU B 490 0.92 -14.96 12.26
N ARG B 491 0.85 -16.05 13.04
CA ARG B 491 1.38 -16.06 14.40
C ARG B 491 2.89 -15.86 14.43
N LYS B 492 3.60 -16.69 13.68
CA LYS B 492 5.06 -16.73 13.72
C LYS B 492 5.78 -16.02 12.56
N VAL B 493 5.03 -15.37 11.67
CA VAL B 493 5.61 -14.81 10.45
C VAL B 493 6.76 -13.84 10.74
N ILE B 494 7.84 -13.97 9.99
CA ILE B 494 8.98 -13.07 10.07
C ILE B 494 8.98 -12.14 8.86
N PHE B 495 8.97 -10.84 9.11
CA PHE B 495 8.87 -9.88 8.03
C PHE B 495 9.76 -8.67 8.31
N ALA B 496 10.39 -8.15 7.25
CA ALA B 496 11.19 -6.95 7.37
C ALA B 496 10.29 -5.79 7.77
N SER B 497 10.82 -4.86 8.55
CA SER B 497 10.03 -3.81 9.18
C SER B 497 9.24 -2.93 8.19
N TYR B 498 9.67 -2.89 6.94
CA TYR B 498 9.00 -2.06 5.94
C TYR B 498 7.76 -2.73 5.36
N THR B 499 7.57 -4.02 5.65
CA THR B 499 6.50 -4.79 5.03
C THR B 499 5.12 -4.19 5.30
N ASN B 500 4.39 -3.93 4.22
CA ASN B 500 3.02 -3.46 4.31
C ASN B 500 2.13 -4.51 4.97
N SER B 501 1.24 -4.08 5.86
CA SER B 501 0.40 -5.03 6.60
C SER B 501 -0.56 -5.79 5.69
N SER B 502 -0.77 -5.30 4.48
CA SER B 502 -1.63 -5.99 3.51
C SER B 502 -0.98 -7.26 3.00
N ALA B 503 0.35 -7.33 3.12
CA ALA B 503 1.07 -8.53 2.76
C ALA B 503 0.80 -9.64 3.76
N LEU B 504 0.64 -9.24 5.03
CA LEU B 504 0.34 -10.19 6.09
C LEU B 504 -1.10 -10.67 5.99
N ASP B 505 -1.97 -9.83 5.47
CA ASP B 505 -3.36 -10.20 5.22
C ASP B 505 -3.42 -11.30 4.17
N PHE B 506 -2.54 -11.20 3.17
CA PHE B 506 -2.49 -12.14 2.07
C PHE B 506 -2.10 -13.55 2.50
N ILE B 507 -1.05 -13.65 3.32
CA ILE B 507 -0.54 -14.97 3.71
C ILE B 507 -1.53 -15.69 4.63
N ALA B 508 -2.49 -14.95 5.18
CA ALA B 508 -3.55 -15.56 5.94
C ALA B 508 -4.62 -16.12 5.02
N ARG B 509 -4.78 -15.51 3.84
CA ARG B 509 -5.72 -15.98 2.83
C ARG B 509 -5.20 -17.05 1.86
N GLU B 510 -3.89 -17.14 1.70
CA GLU B 510 -3.30 -17.87 0.56
C GLU B 510 -3.75 -19.33 0.45
N ASN B 511 -3.79 -20.06 1.57
CA ASN B 511 -4.21 -21.46 1.52
C ASN B 511 -5.67 -21.59 1.10
N LEU B 512 -6.47 -20.59 1.43
CA LEU B 512 -7.85 -20.52 0.95
C LEU B 512 -7.88 -20.11 -0.52
N PHE B 513 -7.01 -19.18 -0.89
CA PHE B 513 -6.90 -18.73 -2.28
C PHE B 513 -6.63 -19.89 -3.24
N ASN B 514 -5.75 -20.79 -2.83
CA ASN B 514 -5.37 -21.93 -3.67
C ASN B 514 -6.54 -22.84 -3.97
N ASN B 515 -7.52 -22.84 -3.07
CA ASN B 515 -8.76 -23.58 -3.25
C ASN B 515 -9.88 -22.73 -3.80
N PHE B 516 -9.54 -21.49 -4.16
CA PHE B 516 -10.48 -20.52 -4.72
C PHE B 516 -11.57 -20.19 -3.71
N MET B 517 -11.14 -20.03 -2.46
CA MET B 517 -12.03 -19.64 -1.38
C MET B 517 -11.50 -18.39 -0.70
N ASP B 518 -12.41 -17.58 -0.15
CA ASP B 518 -12.02 -16.33 0.50
C ASP B 518 -12.94 -16.03 1.67
N TYR B 519 -12.55 -15.08 2.51
CA TYR B 519 -13.47 -14.57 3.54
C TYR B 519 -13.67 -13.07 3.38
N ASN B 520 -14.89 -12.63 3.65
CA ASN B 520 -15.36 -11.31 3.23
C ASN B 520 -15.05 -10.21 4.23
N HIS B 521 -14.23 -10.51 5.23
CA HIS B 521 -13.79 -9.51 6.19
C HIS B 521 -12.27 -9.39 6.25
N GLY B 522 -11.78 -8.47 7.07
CA GLY B 522 -10.35 -8.27 7.24
C GLY B 522 -9.71 -9.34 8.11
N THR B 523 -8.39 -9.47 8.03
CA THR B 523 -7.67 -10.48 8.80
C THR B 523 -7.40 -10.03 10.23
N GLY B 524 -7.17 -8.74 10.42
CA GLY B 524 -6.95 -8.23 11.76
C GLY B 524 -7.22 -6.75 11.97
N HIS B 525 -7.56 -6.41 13.20
CA HIS B 525 -7.79 -5.03 13.60
C HIS B 525 -6.97 -4.73 14.85
N GLY B 526 -6.67 -3.45 15.06
CA GLY B 526 -6.01 -3.03 16.29
C GLY B 526 -6.96 -3.16 17.45
N VAL B 527 -6.41 -3.26 18.67
CA VAL B 527 -7.23 -3.37 19.88
C VAL B 527 -6.73 -2.41 20.95
N GLY B 528 -7.65 -1.66 21.54
CA GLY B 528 -7.30 -0.68 22.56
C GLY B 528 -7.11 -1.31 23.92
N LEU B 529 -6.48 -0.57 24.82
CA LEU B 529 -6.32 -1.01 26.20
C LEU B 529 -7.44 -0.45 27.09
N THR B 530 -8.36 -1.32 27.49
CA THR B 530 -9.56 -0.91 28.23
C THR B 530 -10.27 0.19 27.44
N LEU B 531 -10.33 -0.03 26.13
CA LEU B 531 -10.91 0.91 25.17
C LEU B 531 -11.69 0.10 24.12
N ASN B 532 -11.98 0.72 22.99
CA ASN B 532 -12.64 0.03 21.88
C ASN B 532 -11.94 -1.25 21.47
N VAL B 533 -12.72 -2.30 21.20
CA VAL B 533 -12.16 -3.57 20.73
C VAL B 533 -11.69 -3.46 19.28
N HIS B 534 -12.26 -2.50 18.55
CA HIS B 534 -11.77 -2.17 17.21
C HIS B 534 -11.11 -0.82 17.26
N GLU B 535 -9.78 -0.81 17.13
CA GLU B 535 -9.02 0.42 17.26
C GLU B 535 -8.23 0.71 15.99
N GLY B 536 -8.17 1.99 15.59
CA GLY B 536 -7.40 2.38 14.43
C GLY B 536 -5.93 2.52 14.77
N GLY B 537 -5.16 3.07 13.83
CA GLY B 537 -3.73 3.24 14.02
C GLY B 537 -2.95 2.14 13.34
N CYS B 538 -3.66 1.05 13.04
CA CYS B 538 -3.08 -0.09 12.35
C CYS B 538 -4.17 -1.11 12.04
N SER B 539 -3.86 -2.03 11.13
CA SER B 539 -4.76 -3.14 10.84
C SER B 539 -4.04 -4.17 10.00
N ILE B 540 -4.70 -5.29 9.76
CA ILE B 540 -4.26 -6.24 8.75
C ILE B 540 -5.44 -6.52 7.84
N GLY B 541 -5.38 -6.02 6.62
CA GLY B 541 -6.49 -6.12 5.69
C GLY B 541 -6.05 -6.00 4.24
N PRO B 542 -6.95 -6.34 3.31
CA PRO B 542 -6.70 -6.34 1.86
C PRO B 542 -6.58 -4.95 1.23
N VAL B 543 -7.25 -3.95 1.79
CA VAL B 543 -7.31 -2.63 1.13
C VAL B 543 -6.30 -1.63 1.71
N GLY B 544 -6.55 -1.15 2.91
CA GLY B 544 -5.61 -0.23 3.53
C GLY B 544 -4.47 -0.98 4.18
N GLY B 545 -3.30 -0.35 4.26
CA GLY B 545 -2.16 -1.00 4.88
C GLY B 545 -0.96 -0.10 5.06
N ALA B 546 -0.17 -0.42 6.08
CA ALA B 546 1.03 0.32 6.42
C ALA B 546 2.02 -0.62 7.07
N PRO B 547 3.31 -0.22 7.13
CA PRO B 547 4.23 -1.03 7.93
C PRO B 547 3.78 -1.12 9.39
N LEU B 548 4.08 -2.23 10.04
CA LEU B 548 3.76 -2.40 11.45
C LEU B 548 4.94 -2.01 12.32
N LYS B 549 4.65 -1.47 13.50
CA LYS B 549 5.68 -1.09 14.44
C LYS B 549 5.64 -1.97 15.68
N LYS B 550 6.76 -2.06 16.38
CA LYS B 550 6.86 -2.84 17.61
C LYS B 550 5.80 -2.44 18.64
N ASN B 551 5.29 -3.46 19.33
CA ASN B 551 4.28 -3.30 20.37
C ASN B 551 2.95 -2.74 19.88
N MET B 552 2.69 -2.88 18.58
CA MET B 552 1.32 -2.73 18.08
C MET B 552 0.55 -3.99 18.45
N VAL B 553 -0.72 -3.82 18.80
CA VAL B 553 -1.53 -4.96 19.22
C VAL B 553 -2.62 -5.24 18.19
N LEU B 554 -2.60 -6.42 17.60
CA LEU B 554 -3.52 -6.73 16.51
C LEU B 554 -4.19 -8.08 16.68
N SER B 555 -5.39 -8.21 16.13
CA SER B 555 -6.05 -9.50 16.04
C SER B 555 -5.53 -10.27 14.84
N ASN B 556 -5.59 -11.59 14.93
CA ASN B 556 -5.31 -12.47 13.81
C ASN B 556 -6.50 -13.43 13.69
N GLU B 557 -7.35 -13.20 12.68
CA GLU B 557 -8.61 -13.93 12.61
C GLU B 557 -9.10 -14.27 11.20
N PRO B 558 -8.37 -15.14 10.49
CA PRO B 558 -8.88 -15.64 9.21
C PRO B 558 -10.12 -16.51 9.44
N GLY B 559 -10.91 -16.71 8.40
CA GLY B 559 -12.07 -17.58 8.51
C GLY B 559 -12.59 -18.07 7.18
N TYR B 560 -13.58 -18.94 7.21
CA TYR B 560 -14.30 -19.30 6.01
C TYR B 560 -15.74 -19.66 6.35
N TYR B 561 -16.65 -19.24 5.49
CA TYR B 561 -18.07 -19.37 5.80
C TYR B 561 -18.81 -19.99 4.63
N MET B 562 -19.36 -21.17 4.89
CA MET B 562 -20.08 -21.93 3.87
C MET B 562 -21.58 -21.77 4.10
N LYS B 563 -22.23 -21.05 3.20
CA LYS B 563 -23.63 -20.67 3.35
C LYS B 563 -24.54 -21.86 3.62
N ASP B 564 -25.41 -21.69 4.62
CA ASP B 564 -26.44 -22.67 4.99
C ASP B 564 -25.90 -23.97 5.60
N LYS B 565 -24.58 -24.11 5.69
CA LYS B 565 -24.02 -25.35 6.23
C LYS B 565 -23.24 -25.10 7.52
N PHE B 566 -22.14 -24.35 7.43
CA PHE B 566 -21.36 -24.02 8.62
C PHE B 566 -20.33 -22.93 8.33
N GLY B 567 -19.62 -22.51 9.37
CA GLY B 567 -18.56 -21.53 9.23
C GLY B 567 -17.48 -21.73 10.27
N VAL B 568 -16.29 -21.21 9.98
CA VAL B 568 -15.15 -21.33 10.89
C VAL B 568 -14.38 -20.01 10.99
N ARG B 569 -14.08 -19.59 12.21
CA ARG B 569 -13.13 -18.51 12.41
C ARG B 569 -12.23 -18.82 13.59
N ILE B 570 -10.96 -18.49 13.44
CA ILE B 570 -9.97 -18.73 14.49
C ILE B 570 -9.23 -17.43 14.78
N GLU B 571 -9.41 -16.90 15.99
CA GLU B 571 -8.89 -15.58 16.31
C GLU B 571 -7.99 -15.54 17.54
N ASN B 572 -6.81 -14.96 17.35
CA ASN B 572 -5.91 -14.63 18.45
C ASN B 572 -5.61 -13.15 18.47
N MET B 573 -5.15 -12.66 19.60
CA MET B 573 -4.52 -11.35 19.67
C MET B 573 -3.03 -11.55 19.87
N GLN B 574 -2.25 -10.69 19.23
CA GLN B 574 -0.80 -10.79 19.27
C GLN B 574 -0.21 -9.39 19.15
N TYR B 575 1.07 -9.26 19.48
CA TYR B 575 1.72 -7.96 19.37
C TYR B 575 3.05 -8.06 18.64
N VAL B 576 3.42 -6.98 17.97
CA VAL B 576 4.60 -6.94 17.11
C VAL B 576 5.87 -6.86 17.94
N ILE B 577 6.82 -7.76 17.65
CA ILE B 577 8.11 -7.77 18.33
C ILE B 577 9.25 -7.59 17.35
N SER B 578 10.42 -7.22 17.87
CA SER B 578 11.62 -7.22 17.06
C SER B 578 12.23 -8.62 17.10
N LYS B 579 12.23 -9.30 15.97
CA LYS B 579 12.74 -10.66 15.91
C LYS B 579 14.26 -10.70 15.79
N GLU B 580 14.79 -9.93 14.85
CA GLU B 580 16.23 -9.86 14.63
C GLU B 580 16.65 -8.55 13.99
N ILE B 581 17.85 -8.08 14.35
CA ILE B 581 18.40 -6.90 13.71
C ILE B 581 19.74 -7.24 13.08
N THR B 582 19.81 -7.12 11.75
CA THR B 582 21.06 -7.34 11.03
C THR B 582 21.66 -6.00 10.64
N ASP B 583 22.77 -6.04 9.89
CA ASP B 583 23.44 -4.82 9.49
C ASP B 583 22.52 -3.93 8.68
N THR B 584 21.85 -4.50 7.70
CA THR B 584 21.00 -3.74 6.80
C THR B 584 19.51 -3.70 7.16
N THR B 585 19.06 -4.57 8.05
CA THR B 585 17.62 -4.80 8.17
C THR B 585 17.14 -5.19 9.56
N GLU B 586 15.96 -4.70 9.94
CA GLU B 586 15.29 -5.20 11.13
C GLU B 586 14.14 -6.11 10.73
N TYR B 587 14.14 -7.32 11.29
CA TYR B 587 13.07 -8.27 11.03
C TYR B 587 12.10 -8.31 12.21
N LEU B 588 10.82 -8.29 11.89
CA LEU B 588 9.78 -8.24 12.91
C LEU B 588 8.98 -9.53 12.89
N SER B 589 8.31 -9.81 14.00
CA SER B 589 7.42 -10.95 14.10
C SER B 589 6.36 -10.65 15.14
N PHE B 590 5.59 -11.66 15.54
CA PHE B 590 4.59 -11.48 16.58
C PHE B 590 4.88 -12.37 17.78
N ASP B 591 4.42 -11.94 18.95
CA ASP B 591 4.39 -12.79 20.12
C ASP B 591 2.94 -12.91 20.58
N ASP B 592 2.57 -14.08 21.08
CA ASP B 592 1.18 -14.35 21.46
C ASP B 592 0.71 -13.54 22.66
N LEU B 593 -0.54 -13.09 22.59
CA LEU B 593 -1.25 -12.63 23.78
C LEU B 593 -2.23 -13.72 24.22
N THR B 594 -3.17 -14.06 23.32
CA THR B 594 -4.17 -15.09 23.56
C THR B 594 -3.57 -16.44 23.97
N MET B 595 -4.00 -16.97 25.12
CA MET B 595 -3.65 -18.35 25.45
C MET B 595 -4.89 -19.22 25.52
N TYR B 596 -5.20 -19.92 24.44
CA TYR B 596 -6.14 -21.03 24.50
C TYR B 596 -5.84 -22.00 23.36
N PRO B 597 -6.02 -23.31 23.60
CA PRO B 597 -5.66 -24.25 22.53
C PRO B 597 -6.63 -24.23 21.35
N TYR B 598 -6.31 -25.01 20.32
CA TYR B 598 -7.17 -25.15 19.17
C TYR B 598 -7.91 -26.48 19.25
N GLU B 599 -8.69 -26.81 18.23
CA GLU B 599 -9.53 -27.99 18.29
C GLU B 599 -8.93 -29.16 17.54
N LYS B 600 -8.48 -30.17 18.28
CA LYS B 600 -7.83 -31.34 17.69
C LYS B 600 -8.80 -32.16 16.84
N LYS B 601 -10.08 -32.15 17.20
CA LYS B 601 -11.08 -32.92 16.47
C LYS B 601 -11.29 -32.41 15.05
N LEU B 602 -10.97 -31.15 14.83
CA LEU B 602 -11.18 -30.51 13.52
C LEU B 602 -9.92 -30.49 12.65
N LEU B 603 -8.84 -31.11 13.12
CA LEU B 603 -7.57 -31.10 12.39
C LEU B 603 -7.53 -32.06 11.22
N ASP B 604 -7.16 -31.56 10.04
CA ASP B 604 -6.94 -32.40 8.86
C ASP B 604 -5.44 -32.57 8.68
N PHE B 605 -4.94 -33.77 8.96
CA PHE B 605 -3.51 -34.00 9.01
C PHE B 605 -2.88 -34.21 7.63
N SER B 606 -3.69 -34.30 6.59
CA SER B 606 -3.15 -34.34 5.24
C SER B 606 -2.69 -32.94 4.82
N LEU B 607 -3.28 -31.92 5.44
CA LEU B 607 -2.95 -30.53 5.14
C LEU B 607 -1.88 -29.92 6.05
N LEU B 608 -1.54 -30.60 7.14
CA LEU B 608 -0.65 -30.02 8.13
C LEU B 608 0.80 -30.44 7.94
N THR B 609 1.69 -29.46 7.83
CA THR B 609 3.12 -29.70 7.79
C THR B 609 3.65 -30.01 9.17
N ASN B 610 4.83 -30.64 9.23
CA ASN B 610 5.47 -30.94 10.51
C ASN B 610 5.84 -29.67 11.27
N GLN B 611 6.16 -28.61 10.54
CA GLN B 611 6.45 -27.33 11.16
C GLN B 611 5.21 -26.81 11.89
N GLU B 612 4.05 -26.95 11.25
CA GLU B 612 2.79 -26.53 11.84
C GLU B 612 2.44 -27.38 13.07
N ILE B 613 2.71 -28.67 13.00
CA ILE B 613 2.48 -29.56 14.14
C ILE B 613 3.37 -29.16 15.31
N LYS B 614 4.63 -28.87 15.01
CA LYS B 614 5.59 -28.43 16.01
C LYS B 614 5.16 -27.13 16.69
N GLU B 615 4.65 -26.19 15.91
CA GLU B 615 4.20 -24.92 16.46
C GLU B 615 2.95 -25.08 17.32
N LEU B 616 2.08 -26.00 16.92
CA LEU B 616 0.88 -26.31 17.67
C LEU B 616 1.23 -26.86 19.06
N ASN B 617 2.18 -27.78 19.11
CA ASN B 617 2.61 -28.37 20.37
C ASN B 617 3.32 -27.35 21.25
N GLU B 618 4.11 -26.50 20.61
CA GLU B 618 4.84 -25.45 21.31
C GLU B 618 3.85 -24.50 21.98
N TYR B 619 2.86 -24.09 21.21
CA TYR B 619 1.79 -23.22 21.72
C TYR B 619 1.02 -23.88 22.85
N HIS B 620 0.53 -25.10 22.59
CA HIS B 620 -0.28 -25.83 23.57
C HIS B 620 0.47 -26.10 24.86
N THR B 621 1.75 -26.47 24.76
CA THR B 621 2.55 -26.70 25.95
C THR B 621 2.73 -25.40 26.74
N THR B 622 2.99 -24.30 26.02
CA THR B 622 3.14 -22.98 26.65
C THR B 622 1.87 -22.58 27.40
N ILE B 623 0.72 -22.87 26.80
CA ILE B 623 -0.56 -22.60 27.45
C ILE B 623 -0.68 -23.39 28.74
N ARG B 624 -0.29 -24.66 28.70
CA ARG B 624 -0.35 -25.50 29.90
C ARG B 624 0.55 -24.95 30.98
N ASN B 625 1.77 -24.59 30.61
CA ASN B 625 2.75 -24.07 31.56
C ASN B 625 2.25 -22.78 32.22
N THR B 626 1.50 -21.99 31.46
CA THR B 626 0.97 -20.73 31.97
C THR B 626 -0.29 -20.90 32.83
N LEU B 627 -1.25 -21.65 32.32
CA LEU B 627 -2.57 -21.76 32.95
C LEU B 627 -2.63 -22.76 34.11
N LEU B 628 -1.96 -23.90 33.96
CA LEU B 628 -2.10 -25.00 34.92
C LEU B 628 -1.74 -24.63 36.38
N PRO B 629 -0.65 -23.87 36.61
CA PRO B 629 -0.40 -23.51 38.01
C PRO B 629 -1.52 -22.68 38.62
N LEU B 630 -2.15 -21.83 37.82
CA LEU B 630 -3.25 -21.00 38.30
C LEU B 630 -4.50 -21.83 38.55
N VAL B 631 -4.73 -22.82 37.68
CA VAL B 631 -5.86 -23.72 37.84
C VAL B 631 -5.73 -24.53 39.13
N LYS B 632 -4.52 -25.01 39.40
CA LYS B 632 -4.25 -25.83 40.57
C LYS B 632 -4.42 -25.04 41.86
N GLN B 633 -4.07 -23.76 41.83
CA GLN B 633 -4.11 -22.94 43.03
C GLN B 633 -5.52 -22.55 43.47
N SER B 634 -6.51 -22.80 42.63
CA SER B 634 -7.90 -22.55 42.98
C SER B 634 -8.82 -23.72 42.66
N PRO B 635 -8.69 -24.83 43.41
CA PRO B 635 -9.45 -26.05 43.12
C PRO B 635 -10.97 -25.87 43.21
N GLN B 636 -11.43 -24.94 44.05
CA GLN B 636 -12.86 -24.72 44.19
C GLN B 636 -13.47 -24.02 42.98
N GLU B 637 -12.72 -23.12 42.36
CA GLU B 637 -13.17 -22.53 41.11
C GLU B 637 -12.85 -23.43 39.91
N TYR B 638 -11.70 -24.11 39.98
CA TYR B 638 -11.30 -25.01 38.91
C TYR B 638 -11.14 -26.43 39.47
N GLY B 639 -12.06 -27.33 39.14
CA GLY B 639 -12.00 -28.68 39.67
C GLY B 639 -10.93 -29.59 39.09
N GLU B 640 -10.89 -30.82 39.58
CA GLU B 640 -9.96 -31.83 39.10
C GLU B 640 -10.31 -32.17 37.66
N SER B 641 -11.60 -32.14 37.38
CA SER B 641 -12.11 -32.39 36.04
C SER B 641 -11.57 -31.32 35.08
N VAL B 642 -11.47 -30.09 35.58
CA VAL B 642 -10.92 -28.97 34.82
C VAL B 642 -9.44 -29.17 34.51
N GLU B 643 -8.65 -29.53 35.52
CA GLU B 643 -7.21 -29.71 35.33
C GLU B 643 -6.92 -30.82 34.32
N LYS B 644 -7.72 -31.88 34.35
CA LYS B 644 -7.55 -32.98 33.41
C LYS B 644 -7.94 -32.55 32.00
N TYR B 645 -8.98 -31.72 31.89
CA TYR B 645 -9.40 -31.21 30.59
C TYR B 645 -8.34 -30.31 29.98
N LEU B 646 -7.76 -29.43 30.80
CA LEU B 646 -6.70 -28.55 30.35
C LEU B 646 -5.48 -29.34 29.87
N ILE B 647 -5.11 -30.36 30.65
CA ILE B 647 -3.99 -31.22 30.28
C ILE B 647 -4.24 -31.93 28.96
N GLU B 648 -5.48 -32.39 28.76
CA GLU B 648 -5.84 -33.15 27.56
C GLU B 648 -5.77 -32.30 26.29
N ILE B 649 -6.26 -31.07 26.36
CA ILE B 649 -6.27 -30.22 25.16
C ILE B 649 -4.91 -29.56 24.91
N THR B 650 -4.04 -29.60 25.90
CA THR B 650 -2.67 -29.11 25.72
C THR B 650 -1.68 -30.24 25.44
N GLU B 651 -2.19 -31.46 25.35
CA GLU B 651 -1.36 -32.63 25.07
C GLU B 651 -0.78 -32.59 23.66
N PRO B 652 0.53 -32.85 23.53
CA PRO B 652 1.21 -32.85 22.23
C PRO B 652 0.60 -33.80 21.22
N ILE B 653 0.62 -33.40 19.95
CA ILE B 653 0.19 -34.23 18.84
C ILE B 653 1.34 -35.14 18.45
N ALA B 654 1.03 -36.40 18.14
CA ALA B 654 2.04 -37.42 17.86
C ALA B 654 2.91 -37.14 16.64
N ILE B 655 2.51 -36.18 15.82
CA ILE B 655 3.26 -35.78 14.62
C ILE B 655 3.55 -36.96 13.70
#